data_5ZFK
#
_entry.id   5ZFK
#
_cell.length_a   168.370
_cell.length_b   79.984
_cell.length_c   53.827
_cell.angle_alpha   90.00
_cell.angle_beta   90.96
_cell.angle_gamma   90.00
#
_symmetry.space_group_name_H-M   'C 1 2 1'
#
loop_
_entity.id
_entity.type
_entity.pdbx_description
1 polymer 'UDP-glucose:tetrahydrobiopterin glucosyltransferase'
2 polymer 'UDP-glucose:tetrahydrobiopterin glucosyltransferase'
3 non-polymer "URIDINE-5'-DIPHOSPHATE"
4 non-polymer 7,8-DIHYDROBIOPTERIN
5 water water
#
loop_
_entity_poly.entity_id
_entity_poly.type
_entity_poly.pdbx_seq_one_letter_code
_entity_poly.pdbx_strand_id
1 'polypeptide(L)'
;TAHRFLFVSTPVGPLGSGRGGGVELTLPNLAKALTQRGHQVSVLAPAGSVLPDLPLETVPGTWQSTAQSHGRATPAEIPA
ESVLARLWDRAHQQQADFDLILNFAYDWLPLYLTPFFKTPVAHLIS(MSE)GSLSEV(MSE)DQAIATSLDRYPGSIAVH
SLAQAATFPFGDRCLCIGNALDLAAYGFNPEPEPVLGWVGRIAPEKGLEDAIQAAQQAGLPLRVWGALTEPDYWQRLQQQ
FGDRAVSYQGFVSTDELQRGLGRCQGLL(MSE)TPKWVEAFGNVAIEALACGLPVIAYARGGPLEIIEQGKSGWLVEPDQ
QAALVNAIGQLSSLDRAYCRAQAEARFSLAA(MSE)GQRLEAWLLPLLSR
;
A
2 'polypeptide(L)'
;TAHRFLFVSTPVGPLGSGRGGGVELTLPNLAKALTQRGHQVSVLAPAGSVLPDLPLETVPGTWQSTAQSHGRATPAEIPA
ESVLARLWDRAHQQQADFDLILNFAYDWLPLYLTPFFKTPVAHLIS(MSE)GSLSEV(MSE)DQAIATSLDRYPGSIAVH
SLAQAATFPFGDRCLCIGNALDLAAYGFNPEPEPVLGWVGRIAPEKGLEDAIQAAQQAGLPLRVWGALTEPDYWQRLQQQ
FGDRAVSYQGFVSTDELQRGLGRCQGLL(MSE)TPKWVEAFGNVAIEALACGLPVIAYARGGPLEIIEQGKSGWLVEPDQ
QAALVNAIGQLSSLDRAYCRAQAEARFSLAA(MSE)GQRLEAWLLPLLS
;
B
#
# COMPACT_ATOMS: atom_id res chain seq x y z
N THR A 1 -21.39 33.20 3.59
CA THR A 1 -20.50 33.21 2.39
C THR A 1 -20.50 31.79 1.82
N ALA A 2 -20.62 31.69 0.50
CA ALA A 2 -20.71 30.40 -0.10
C ALA A 2 -19.27 29.90 -0.25
N HIS A 3 -19.14 28.59 -0.16
CA HIS A 3 -17.85 27.94 -0.24
C HIS A 3 -17.88 26.90 -1.34
N ARG A 4 -16.70 26.36 -1.62
CA ARG A 4 -16.54 25.42 -2.72
C ARG A 4 -16.01 24.11 -2.11
N PHE A 5 -16.75 23.03 -2.38
CA PHE A 5 -16.42 21.74 -1.83
C PHE A 5 -16.13 20.77 -2.96
N LEU A 6 -15.16 19.84 -2.69
CA LEU A 6 -14.89 18.72 -3.59
C LEU A 6 -15.20 17.47 -2.82
N PHE A 7 -16.08 16.65 -3.35
CA PHE A 7 -16.44 15.39 -2.76
C PHE A 7 -15.72 14.29 -3.54
N VAL A 8 -14.97 13.44 -2.83
CA VAL A 8 -14.22 12.38 -3.48
C VAL A 8 -14.89 11.04 -3.10
N SER A 9 -15.39 10.33 -4.12
CA SER A 9 -16.17 9.17 -3.91
C SER A 9 -15.40 7.90 -3.54
N THR A 10 -16.17 6.85 -3.28
CA THR A 10 -15.59 5.54 -3.01
C THR A 10 -14.96 4.92 -4.25
N PRO A 11 -13.82 4.21 -4.07
CA PRO A 11 -13.10 3.60 -5.16
C PRO A 11 -13.52 2.17 -5.48
N VAL A 12 -14.54 1.65 -4.81
CA VAL A 12 -14.94 0.27 -5.05
C VAL A 12 -15.68 0.06 -6.36
N GLY A 13 -16.18 1.14 -6.95
CA GLY A 13 -16.84 1.01 -8.26
C GLY A 13 -17.53 2.33 -8.60
N PRO A 14 -18.04 2.41 -9.81
CA PRO A 14 -18.62 3.69 -10.24
C PRO A 14 -19.95 4.00 -9.58
N LEU A 15 -20.18 5.31 -9.38
CA LEU A 15 -21.50 5.81 -8.95
C LEU A 15 -22.56 5.42 -9.97
N GLY A 16 -23.58 4.76 -9.46
CA GLY A 16 -24.66 4.19 -10.29
C GLY A 16 -24.61 2.70 -10.63
N SER A 17 -23.51 2.05 -10.36
CA SER A 17 -23.31 0.63 -10.53
C SER A 17 -23.90 -0.17 -9.34
N GLY A 18 -24.12 0.50 -8.23
CA GLY A 18 -24.43 -0.17 -6.96
C GLY A 18 -23.26 -0.74 -6.19
N ARG A 19 -22.06 -0.79 -6.77
CA ARG A 19 -20.94 -1.37 -6.06
C ARG A 19 -20.60 -0.61 -4.81
N GLY A 20 -20.82 0.69 -4.81
CA GLY A 20 -20.53 1.54 -3.68
C GLY A 20 -21.59 1.57 -2.63
N GLY A 21 -22.68 0.77 -2.78
CA GLY A 21 -23.64 0.68 -1.69
C GLY A 21 -24.27 2.03 -1.38
N GLY A 22 -24.50 2.28 -0.10
CA GLY A 22 -25.19 3.46 0.34
C GLY A 22 -24.42 4.76 0.04
N VAL A 23 -23.11 4.68 -0.07
CA VAL A 23 -22.35 5.88 -0.46
C VAL A 23 -22.91 6.48 -1.77
N GLU A 24 -23.44 5.63 -2.68
CA GLU A 24 -23.86 6.17 -3.96
C GLU A 24 -25.11 7.00 -3.81
N LEU A 25 -25.85 6.85 -2.68
CA LEU A 25 -26.97 7.71 -2.37
C LEU A 25 -26.60 8.87 -1.46
N THR A 26 -25.77 8.56 -0.45
CA THR A 26 -25.30 9.54 0.53
C THR A 26 -24.53 10.68 -0.12
N LEU A 27 -23.57 10.38 -1.03
CA LEU A 27 -22.78 11.42 -1.56
C LEU A 27 -23.62 12.48 -2.31
N PRO A 28 -24.48 12.03 -3.25
CA PRO A 28 -25.25 13.08 -3.94
C PRO A 28 -26.25 13.77 -3.08
N ASN A 29 -26.79 13.07 -2.09
CA ASN A 29 -27.73 13.73 -1.15
C ASN A 29 -27.06 14.79 -0.29
N LEU A 30 -25.89 14.49 0.22
CA LEU A 30 -25.12 15.54 0.95
C LEU A 30 -24.69 16.64 0.05
N ALA A 31 -24.38 16.33 -1.20
CA ALA A 31 -24.03 17.39 -2.13
C ALA A 31 -25.25 18.33 -2.34
N LYS A 32 -26.43 17.75 -2.53
CA LYS A 32 -27.68 18.53 -2.68
CA LYS A 32 -27.66 18.55 -2.70
C LYS A 32 -27.96 19.36 -1.45
N ALA A 33 -27.74 18.80 -0.28
CA ALA A 33 -27.97 19.53 0.98
C ALA A 33 -27.12 20.85 1.01
N LEU A 34 -25.85 20.75 0.61
CA LEU A 34 -25.01 21.93 0.51
C LEU A 34 -25.35 22.86 -0.64
N THR A 35 -25.69 22.30 -1.84
CA THR A 35 -25.96 23.19 -2.96
C THR A 35 -27.26 24.04 -2.71
N GLN A 36 -28.22 23.43 -2.02
CA GLN A 36 -29.45 24.12 -1.59
C GLN A 36 -29.21 25.26 -0.59
N ARG A 37 -28.09 25.27 0.08
CA ARG A 37 -27.64 26.37 0.97
C ARG A 37 -26.72 27.33 0.28
N GLY A 38 -26.55 27.19 -1.02
CA GLY A 38 -25.78 28.15 -1.80
C GLY A 38 -24.30 27.81 -2.09
N HIS A 39 -23.82 26.68 -1.61
CA HIS A 39 -22.44 26.28 -1.86
C HIS A 39 -22.27 25.59 -3.24
N GLN A 40 -21.05 25.53 -3.72
CA GLN A 40 -20.76 24.80 -4.96
C GLN A 40 -20.11 23.45 -4.51
N VAL A 41 -20.59 22.36 -5.10
CA VAL A 41 -20.01 21.03 -4.87
C VAL A 41 -19.66 20.42 -6.20
N SER A 42 -18.45 19.89 -6.30
CA SER A 42 -17.99 19.10 -7.40
C SER A 42 -17.65 17.70 -6.93
N VAL A 43 -17.66 16.72 -7.81
CA VAL A 43 -17.45 15.35 -7.41
C VAL A 43 -16.36 14.73 -8.25
N LEU A 44 -15.54 13.91 -7.62
CA LEU A 44 -14.53 13.13 -8.28
C LEU A 44 -14.78 11.67 -8.03
N ALA A 45 -14.82 10.85 -9.08
CA ALA A 45 -15.26 9.47 -8.92
C ALA A 45 -14.68 8.56 -9.97
N PRO A 46 -14.81 7.24 -9.78
CA PRO A 46 -14.25 6.35 -10.86
C PRO A 46 -14.94 6.49 -12.24
N ALA A 47 -14.16 6.17 -13.25
CA ALA A 47 -14.68 6.12 -14.60
C ALA A 47 -15.92 5.28 -14.65
N GLY A 48 -16.90 5.71 -15.43
CA GLY A 48 -18.15 5.01 -15.54
C GLY A 48 -19.25 5.56 -14.67
N SER A 49 -18.88 6.45 -13.75
CA SER A 49 -19.79 7.05 -12.82
C SER A 49 -20.76 8.00 -13.50
N VAL A 50 -21.95 8.07 -12.94
CA VAL A 50 -22.95 9.02 -13.34
C VAL A 50 -23.50 9.74 -12.15
N LEU A 51 -23.79 11.00 -12.36
CA LEU A 51 -24.35 11.84 -11.33
C LEU A 51 -25.20 12.94 -11.95
N PRO A 52 -26.53 12.95 -11.66
CA PRO A 52 -27.34 14.10 -12.08
C PRO A 52 -26.84 15.47 -11.59
N ASP A 53 -26.96 16.49 -12.44
CA ASP A 53 -26.87 17.92 -12.09
C ASP A 53 -25.55 18.56 -11.65
N LEU A 54 -24.66 17.81 -11.00
CA LEU A 54 -23.43 18.36 -10.40
C LEU A 54 -22.24 18.18 -11.32
N PRO A 55 -21.23 19.02 -11.20
CA PRO A 55 -20.02 18.79 -11.95
C PRO A 55 -19.36 17.51 -11.44
N LEU A 56 -18.99 16.68 -12.37
CA LEU A 56 -18.40 15.38 -12.08
C LEU A 56 -17.16 15.27 -12.87
N GLU A 57 -16.08 14.76 -12.28
CA GLU A 57 -14.92 14.39 -13.04
C GLU A 57 -14.62 12.92 -12.72
N THR A 58 -14.36 12.12 -13.75
CA THR A 58 -14.07 10.68 -13.52
C THR A 58 -12.65 10.32 -13.90
N VAL A 59 -12.14 9.25 -13.28
CA VAL A 59 -10.80 8.88 -13.40
C VAL A 59 -10.76 7.39 -13.65
N PRO A 60 -10.06 6.93 -14.67
CA PRO A 60 -9.95 5.47 -14.87
C PRO A 60 -9.04 4.79 -13.91
N GLY A 61 -9.28 3.49 -13.72
CA GLY A 61 -8.35 2.69 -12.92
C GLY A 61 -9.03 1.50 -12.26
N THR A 62 -8.24 0.69 -11.55
CA THR A 62 -8.69 -0.50 -10.91
C THR A 62 -9.38 -0.17 -9.59
N TRP A 63 -10.50 -0.84 -9.39
CA TRP A 63 -11.33 -0.64 -8.22
C TRP A 63 -10.63 -1.21 -6.99
N GLN A 64 -10.89 -0.61 -5.85
CA GLN A 64 -10.45 -1.16 -4.59
C GLN A 64 -11.30 -2.37 -4.25
N SER A 65 -10.70 -3.40 -3.65
CA SER A 65 -11.45 -4.53 -3.11
C SER A 65 -12.19 -4.00 -1.87
N THR A 66 -13.34 -4.58 -1.56
CA THR A 66 -14.13 -4.10 -0.44
C THR A 66 -13.47 -4.42 0.91
N ALA A 67 -13.47 -3.44 1.80
CA ALA A 67 -12.81 -3.59 3.07
C ALA A 67 -13.40 -4.73 3.89
N GLN A 68 -14.70 -4.91 3.84
CA GLN A 68 -15.34 -5.90 4.68
C GLN A 68 -15.07 -7.33 4.22
N SER A 69 -14.41 -7.53 3.09
CA SER A 69 -14.10 -8.88 2.68
C SER A 69 -12.69 -9.28 3.23
N HIS A 70 -12.07 -8.47 4.08
CA HIS A 70 -10.72 -8.74 4.58
C HIS A 70 -10.75 -8.71 6.10
N GLY A 71 -9.82 -9.43 6.69
CA GLY A 71 -9.77 -9.54 8.13
C GLY A 71 -9.05 -8.42 8.76
N ARG A 72 -9.04 -8.41 10.09
CA ARG A 72 -8.60 -7.20 10.83
C ARG A 72 -7.12 -6.90 10.73
N ALA A 73 -6.28 -7.92 10.47
CA ALA A 73 -4.83 -7.73 10.32
C ALA A 73 -4.35 -7.44 8.87
N THR A 74 -5.28 -7.35 7.93
CA THR A 74 -4.98 -7.12 6.53
C THR A 74 -4.24 -5.77 6.37
N PRO A 75 -3.13 -5.74 5.66
CA PRO A 75 -2.58 -4.47 5.24
C PRO A 75 -3.51 -3.66 4.33
N ALA A 76 -3.31 -2.35 4.27
CA ALA A 76 -3.94 -1.53 3.19
C ALA A 76 -3.29 -1.92 1.87
N GLU A 77 -4.11 -2.00 0.82
CA GLU A 77 -3.64 -2.42 -0.51
C GLU A 77 -3.88 -1.35 -1.55
N ILE A 78 -2.89 -1.14 -2.42
CA ILE A 78 -2.99 -0.22 -3.52
C ILE A 78 -2.64 -1.03 -4.78
N PRO A 79 -3.66 -1.43 -5.56
CA PRO A 79 -3.39 -2.19 -6.80
C PRO A 79 -2.74 -1.43 -7.89
N ALA A 80 -2.12 -2.15 -8.85
CA ALA A 80 -1.64 -1.49 -9.99
C ALA A 80 -2.84 -0.76 -10.65
N GLU A 81 -2.57 0.39 -11.22
CA GLU A 81 -3.50 1.29 -11.88
C GLU A 81 -4.61 1.75 -10.95
N SER A 82 -4.32 1.89 -9.65
CA SER A 82 -5.40 2.06 -8.63
C SER A 82 -6.21 3.32 -8.89
N VAL A 83 -7.52 3.18 -8.94
CA VAL A 83 -8.37 4.33 -9.06
C VAL A 83 -8.30 5.20 -7.79
N LEU A 84 -8.14 4.53 -6.65
CA LEU A 84 -8.06 5.31 -5.41
C LEU A 84 -6.84 6.23 -5.43
N ALA A 85 -5.68 5.71 -5.81
CA ALA A 85 -4.51 6.54 -5.92
C ALA A 85 -4.68 7.65 -6.93
N ARG A 86 -5.32 7.36 -8.06
CA ARG A 86 -5.50 8.33 -9.08
C ARG A 86 -6.44 9.46 -8.67
N LEU A 87 -7.50 9.10 -7.96
CA LEU A 87 -8.47 10.08 -7.50
C LEU A 87 -7.78 11.13 -6.58
N TRP A 88 -6.91 10.64 -5.70
CA TRP A 88 -6.26 11.50 -4.69
C TRP A 88 -5.12 12.33 -5.32
N ASP A 89 -4.46 11.79 -6.33
CA ASP A 89 -3.54 12.60 -7.08
C ASP A 89 -4.25 13.76 -7.81
N ARG A 90 -5.42 13.47 -8.39
CA ARG A 90 -6.19 14.50 -9.03
C ARG A 90 -6.70 15.51 -8.01
N ALA A 91 -7.17 15.04 -6.86
CA ALA A 91 -7.66 15.98 -5.82
C ALA A 91 -6.52 16.92 -5.41
N HIS A 92 -5.34 16.35 -5.28
CA HIS A 92 -4.23 17.14 -4.85
C HIS A 92 -3.90 18.22 -5.89
N GLN A 93 -3.91 17.85 -7.16
CA GLN A 93 -3.66 18.80 -8.26
C GLN A 93 -4.58 19.97 -8.25
N GLN A 94 -5.83 19.73 -7.91
CA GLN A 94 -6.82 20.78 -7.89
C GLN A 94 -7.22 21.35 -6.56
N GLN A 95 -6.43 21.09 -5.55
CA GLN A 95 -6.86 21.36 -4.18
C GLN A 95 -7.13 22.88 -3.96
N ALA A 96 -6.39 23.74 -4.68
CA ALA A 96 -6.55 25.19 -4.45
C ALA A 96 -7.82 25.75 -5.04
N ASP A 97 -8.56 24.95 -5.77
CA ASP A 97 -9.85 25.31 -6.30
C ASP A 97 -11.01 25.11 -5.32
N PHE A 98 -10.72 24.67 -4.11
CA PHE A 98 -11.75 24.37 -3.16
C PHE A 98 -11.36 24.80 -1.81
N ASP A 99 -12.40 25.05 -1.03
CA ASP A 99 -12.23 25.40 0.39
C ASP A 99 -12.06 24.18 1.29
N LEU A 100 -12.67 23.05 0.90
CA LEU A 100 -12.63 21.80 1.65
C LEU A 100 -12.87 20.61 0.73
N ILE A 101 -12.18 19.50 1.05
CA ILE A 101 -12.32 18.24 0.30
C ILE A 101 -12.97 17.24 1.32
N LEU A 102 -14.03 16.54 0.93
CA LEU A 102 -14.72 15.59 1.75
C LEU A 102 -14.55 14.23 1.10
N ASN A 103 -13.90 13.36 1.84
CA ASN A 103 -13.65 11.98 1.45
C ASN A 103 -14.70 11.02 1.91
N PHE A 104 -15.22 10.24 1.01
CA PHE A 104 -16.23 9.20 1.30
C PHE A 104 -15.72 7.73 1.32
N ALA A 105 -14.45 7.52 1.05
CA ALA A 105 -13.83 6.19 0.87
C ALA A 105 -13.39 5.67 2.23
N TYR A 106 -13.70 4.41 2.49
CA TYR A 106 -13.24 3.70 3.71
C TYR A 106 -11.91 3.04 3.35
N ASP A 107 -10.91 3.88 3.21
CA ASP A 107 -9.58 3.47 2.78
C ASP A 107 -8.51 4.22 3.55
N TRP A 108 -7.38 3.56 3.71
CA TRP A 108 -6.21 4.14 4.37
C TRP A 108 -5.66 5.36 3.66
N LEU A 109 -5.51 5.34 2.34
CA LEU A 109 -4.77 6.38 1.63
C LEU A 109 -5.25 7.83 1.90
N PRO A 110 -6.52 8.09 1.81
CA PRO A 110 -6.92 9.46 1.94
C PRO A 110 -6.73 9.99 3.37
N LEU A 111 -6.92 9.10 4.35
CA LEU A 111 -6.60 9.50 5.76
C LEU A 111 -5.14 9.81 5.90
N TYR A 112 -4.28 8.93 5.35
CA TYR A 112 -2.82 9.20 5.42
C TYR A 112 -2.40 10.48 4.72
N LEU A 113 -3.05 10.81 3.59
CA LEU A 113 -2.68 11.99 2.86
C LEU A 113 -3.11 13.33 3.46
N THR A 114 -3.99 13.28 4.43
CA THR A 114 -4.62 14.50 4.90
C THR A 114 -3.58 15.59 5.23
N PRO A 115 -2.48 15.25 5.94
CA PRO A 115 -1.53 16.37 6.22
C PRO A 115 -0.68 16.77 5.06
N PHE A 116 -0.74 16.02 3.99
CA PHE A 116 -0.06 16.38 2.73
C PHE A 116 -0.84 17.39 1.88
N PHE A 117 -2.06 17.68 2.26
CA PHE A 117 -2.89 18.64 1.60
C PHE A 117 -2.81 19.94 2.37
N LYS A 118 -2.82 21.01 1.61
CA LYS A 118 -3.05 22.37 2.16
C LYS A 118 -4.49 22.63 2.45
N THR A 119 -5.35 22.37 1.48
CA THR A 119 -6.78 22.49 1.70
C THR A 119 -7.21 21.42 2.75
N PRO A 120 -8.14 21.76 3.65
CA PRO A 120 -8.60 20.84 4.63
C PRO A 120 -9.35 19.68 4.04
N VAL A 121 -9.12 18.51 4.61
CA VAL A 121 -9.78 17.26 4.15
C VAL A 121 -10.57 16.72 5.29
N ALA A 122 -11.87 16.46 5.13
CA ALA A 122 -12.67 15.87 6.17
C ALA A 122 -13.09 14.48 5.66
N HIS A 123 -13.54 13.63 6.54
CA HIS A 123 -13.86 12.25 6.26
C HIS A 123 -15.18 11.82 6.85
N LEU A 124 -16.05 11.29 6.01
CA LEU A 124 -17.25 10.63 6.42
C LEU A 124 -17.04 9.17 6.34
N ILE A 125 -17.05 8.52 7.51
CA ILE A 125 -16.74 7.09 7.63
C ILE A 125 -18.03 6.31 7.49
N SER A 126 -18.05 5.42 6.52
CA SER A 126 -19.33 4.75 6.16
C SER A 126 -19.64 3.49 6.94
N GLY A 128 -18.53 0.62 10.31
CA GLY A 128 -17.94 0.43 11.60
C GLY A 128 -16.48 -0.08 11.47
N SER A 129 -15.90 -0.41 12.58
CA SER A 129 -14.45 -0.80 12.59
C SER A 129 -14.27 -2.13 11.86
N LEU A 130 -13.25 -2.21 11.01
CA LEU A 130 -12.98 -3.42 10.20
C LEU A 130 -11.53 -3.84 10.29
N SER A 131 -10.60 -2.94 10.53
CA SER A 131 -9.19 -3.31 10.50
C SER A 131 -8.33 -2.46 11.36
N GLU A 132 -7.18 -3.02 11.78
CA GLU A 132 -6.24 -2.28 12.55
C GLU A 132 -5.64 -1.11 11.77
N VAL A 133 -5.31 -1.34 10.52
CA VAL A 133 -4.66 -0.30 9.75
C VAL A 133 -5.64 0.90 9.59
N ASP A 135 -8.39 1.58 11.60
CA ASP A 135 -8.61 2.17 12.92
C ASP A 135 -7.49 3.18 13.24
N GLN A 136 -6.23 2.77 12.97
CA GLN A 136 -5.12 3.61 13.25
C GLN A 136 -5.01 4.82 12.38
N ALA A 137 -5.30 4.68 11.10
CA ALA A 137 -5.33 5.82 10.19
C ALA A 137 -6.42 6.86 10.56
N ILE A 138 -7.59 6.42 11.01
CA ILE A 138 -8.61 7.34 11.45
C ILE A 138 -8.20 8.05 12.75
N ALA A 139 -7.78 7.28 13.74
CA ALA A 139 -7.17 7.82 14.99
C ALA A 139 -6.13 8.89 14.74
N THR A 140 -5.12 8.59 13.94
CA THR A 140 -4.09 9.57 13.66
C THR A 140 -4.61 10.89 13.03
N SER A 141 -5.51 10.74 12.07
CA SER A 141 -6.10 11.94 11.45
C SER A 141 -6.89 12.77 12.48
N LEU A 142 -7.65 12.11 13.34
CA LEU A 142 -8.30 12.73 14.45
C LEU A 142 -7.38 13.43 15.46
N ASP A 143 -6.23 12.81 15.71
CA ASP A 143 -5.26 13.37 16.68
C ASP A 143 -4.75 14.69 16.16
N ARG A 144 -4.52 14.78 14.87
CA ARG A 144 -3.93 15.96 14.30
C ARG A 144 -5.00 16.97 13.92
N TYR A 145 -6.18 16.45 13.60
CA TYR A 145 -7.28 17.27 13.02
C TYR A 145 -8.57 16.99 13.75
N PRO A 146 -8.67 17.47 15.00
CA PRO A 146 -9.90 17.23 15.71
C PRO A 146 -11.13 17.76 14.97
N GLY A 147 -12.20 17.01 15.05
CA GLY A 147 -13.50 17.35 14.49
C GLY A 147 -13.58 17.04 13.02
N SER A 148 -12.58 16.36 12.50
CA SER A 148 -12.54 16.12 11.04
C SER A 148 -13.20 14.83 10.58
N ILE A 149 -13.75 14.04 11.49
CA ILE A 149 -14.30 12.75 11.20
C ILE A 149 -15.76 12.70 11.63
N ALA A 150 -16.60 12.28 10.69
CA ALA A 150 -18.01 12.04 10.98
C ALA A 150 -18.38 10.62 10.79
N VAL A 151 -19.45 10.25 11.47
CA VAL A 151 -20.01 8.88 11.33
C VAL A 151 -21.54 9.01 11.15
N HIS A 152 -22.20 7.91 10.86
CA HIS A 152 -23.68 7.91 10.67
C HIS A 152 -24.49 7.55 11.90
N SER A 153 -23.94 6.80 12.84
CA SER A 153 -24.72 6.33 14.01
C SER A 153 -23.83 6.22 15.22
N LEU A 154 -24.47 6.33 16.38
CA LEU A 154 -23.74 6.07 17.62
C LEU A 154 -23.30 4.61 17.76
N ALA A 155 -24.09 3.67 17.23
CA ALA A 155 -23.69 2.27 17.19
C ALA A 155 -22.42 2.05 16.36
N GLN A 156 -22.41 2.70 15.21
CA GLN A 156 -21.14 2.74 14.44
C GLN A 156 -19.92 3.30 15.19
N ALA A 157 -20.11 4.42 15.84
CA ALA A 157 -19.07 5.09 16.57
C ALA A 157 -18.54 4.20 17.70
N ALA A 158 -19.41 3.39 18.29
CA ALA A 158 -19.05 2.59 19.45
C ALA A 158 -18.18 1.40 19.08
N THR A 159 -18.05 1.14 17.78
CA THR A 159 -17.14 0.08 17.30
C THR A 159 -15.68 0.54 17.30
N PHE A 160 -15.43 1.83 17.40
CA PHE A 160 -14.08 2.34 17.42
C PHE A 160 -13.76 2.80 18.83
N PRO A 161 -12.49 2.72 19.24
CA PRO A 161 -12.09 3.22 20.57
C PRO A 161 -12.17 4.75 20.75
N PHE A 162 -12.03 5.48 19.65
CA PHE A 162 -12.13 6.88 19.62
C PHE A 162 -13.51 7.40 19.19
N GLY A 163 -14.57 6.58 19.24
CA GLY A 163 -15.87 6.96 18.72
C GLY A 163 -16.50 8.19 19.33
N ASP A 164 -16.18 8.48 20.60
CA ASP A 164 -16.76 9.75 21.14
C ASP A 164 -16.14 11.02 20.59
N ARG A 165 -15.02 10.93 19.86
CA ARG A 165 -14.43 12.08 19.20
C ARG A 165 -14.87 12.22 17.69
N CYS A 166 -15.78 11.35 17.23
CA CYS A 166 -16.38 11.39 15.88
C CYS A 166 -17.72 12.09 16.02
N LEU A 167 -18.05 12.92 15.06
CA LEU A 167 -19.34 13.55 15.02
C LEU A 167 -20.38 12.68 14.34
N CYS A 168 -21.51 12.48 14.97
CA CYS A 168 -22.61 11.69 14.37
C CYS A 168 -23.50 12.64 13.56
N ILE A 169 -23.58 12.45 12.24
CA ILE A 169 -24.42 13.30 11.40
C ILE A 169 -25.69 12.58 10.93
N GLY A 170 -25.84 11.29 11.21
CA GLY A 170 -26.97 10.56 10.75
C GLY A 170 -27.00 10.48 9.21
N ASN A 171 -28.18 10.55 8.63
CA ASN A 171 -28.25 10.58 7.14
C ASN A 171 -29.53 11.26 6.71
N ALA A 172 -29.72 11.45 5.41
CA ALA A 172 -30.90 12.13 4.87
C ALA A 172 -31.15 11.66 3.48
N LEU A 173 -32.36 11.90 3.04
CA LEU A 173 -32.83 11.56 1.71
C LEU A 173 -33.37 12.76 1.03
N ASP A 174 -33.40 12.67 -0.31
CA ASP A 174 -34.10 13.67 -1.14
C ASP A 174 -35.57 13.32 -1.10
N LEU A 175 -36.26 13.77 -0.05
CA LEU A 175 -37.63 13.26 0.21
C LEU A 175 -38.59 13.48 -0.91
N ALA A 176 -38.33 14.50 -1.73
CA ALA A 176 -39.21 14.82 -2.86
C ALA A 176 -39.22 13.68 -3.87
N ALA A 177 -38.17 12.84 -3.89
CA ALA A 177 -38.13 11.75 -4.82
C ALA A 177 -38.94 10.48 -4.44
N TYR A 178 -39.46 10.43 -3.19
CA TYR A 178 -40.16 9.26 -2.67
C TYR A 178 -41.65 9.53 -2.58
N GLY A 179 -42.42 8.64 -3.18
CA GLY A 179 -43.87 8.69 -3.15
C GLY A 179 -44.42 7.87 -1.98
N PHE A 180 -45.29 8.47 -1.19
CA PHE A 180 -45.99 7.72 -0.15
C PHE A 180 -47.05 6.79 -0.73
N ASN A 181 -46.97 5.48 -0.47
CA ASN A 181 -47.94 4.50 -0.93
C ASN A 181 -48.73 3.99 0.25
N PRO A 182 -49.98 4.42 0.39
CA PRO A 182 -50.78 3.93 1.53
C PRO A 182 -51.36 2.53 1.36
N GLU A 183 -51.32 1.90 0.19
CA GLU A 183 -52.08 0.63 -0.04
C GLU A 183 -51.19 -0.43 -0.65
N PRO A 184 -50.39 -1.12 0.18
CA PRO A 184 -49.45 -2.12 -0.33
C PRO A 184 -50.07 -3.42 -0.77
N GLU A 185 -49.37 -4.15 -1.65
CA GLU A 185 -49.69 -5.50 -2.02
C GLU A 185 -49.17 -6.41 -0.91
N PRO A 186 -49.71 -7.66 -0.83
CA PRO A 186 -49.31 -8.59 0.24
C PRO A 186 -47.95 -9.23 -0.07
N VAL A 187 -46.92 -8.39 -0.06
CA VAL A 187 -45.60 -8.88 -0.42
C VAL A 187 -44.61 -8.15 0.47
N LEU A 188 -43.45 -8.75 0.62
CA LEU A 188 -42.36 -8.15 1.42
C LEU A 188 -41.28 -7.70 0.49
N GLY A 189 -40.52 -6.74 0.97
CA GLY A 189 -39.32 -6.32 0.24
C GLY A 189 -38.02 -6.55 0.97
N TRP A 190 -36.93 -6.60 0.22
CA TRP A 190 -35.58 -6.63 0.75
C TRP A 190 -34.72 -5.88 -0.23
N VAL A 191 -33.88 -4.99 0.27
CA VAL A 191 -33.08 -4.14 -0.60
C VAL A 191 -31.61 -4.12 -0.12
N GLY A 192 -30.68 -4.44 -0.99
CA GLY A 192 -29.25 -4.36 -0.59
C GLY A 192 -28.33 -4.96 -1.62
N ARG A 193 -27.04 -4.64 -1.51
CA ARG A 193 -26.04 -5.40 -2.20
C ARG A 193 -26.23 -6.89 -1.91
N ILE A 194 -26.16 -7.71 -2.92
CA ILE A 194 -26.35 -9.17 -2.75
C ILE A 194 -24.96 -9.71 -2.36
N ALA A 195 -24.67 -9.53 -1.07
CA ALA A 195 -23.33 -9.80 -0.53
C ALA A 195 -23.54 -10.42 0.86
N PRO A 196 -22.59 -11.30 1.27
CA PRO A 196 -22.84 -12.17 2.44
C PRO A 196 -23.21 -11.46 3.70
N GLU A 197 -22.58 -10.30 3.96
CA GLU A 197 -22.87 -9.54 5.10
C GLU A 197 -24.34 -9.11 5.24
N LYS A 198 -25.09 -9.08 4.14
CA LYS A 198 -26.47 -8.60 4.18
C LYS A 198 -27.48 -9.64 4.56
N GLY A 199 -27.08 -10.89 4.64
CA GLY A 199 -27.95 -11.94 5.21
C GLY A 199 -29.23 -12.21 4.50
N LEU A 200 -29.19 -12.18 3.16
CA LEU A 200 -30.34 -12.44 2.39
C LEU A 200 -30.97 -13.84 2.66
N GLU A 201 -30.13 -14.81 2.97
CA GLU A 201 -30.61 -16.17 3.35
C GLU A 201 -31.67 -16.10 4.43
N ASP A 202 -31.45 -15.28 5.47
CA ASP A 202 -32.35 -15.16 6.63
C ASP A 202 -33.70 -14.60 6.20
N ALA A 203 -33.67 -13.56 5.38
CA ALA A 203 -34.91 -12.98 4.88
C ALA A 203 -35.72 -13.93 3.97
N ILE A 204 -35.05 -14.72 3.14
CA ILE A 204 -35.72 -15.71 2.22
C ILE A 204 -36.46 -16.71 3.12
N GLN A 205 -35.72 -17.24 4.07
CA GLN A 205 -36.28 -18.26 4.97
C GLN A 205 -37.44 -17.69 5.75
N ALA A 206 -37.31 -16.46 6.29
CA ALA A 206 -38.39 -15.89 7.08
C ALA A 206 -39.64 -15.58 6.22
N ALA A 207 -39.45 -15.07 5.00
CA ALA A 207 -40.58 -14.83 4.12
C ALA A 207 -41.33 -16.16 3.73
N GLN A 208 -40.59 -17.20 3.41
CA GLN A 208 -41.13 -18.55 3.07
C GLN A 208 -41.96 -19.05 4.29
N GLN A 209 -41.40 -18.96 5.48
CA GLN A 209 -42.14 -19.40 6.68
C GLN A 209 -43.40 -18.54 6.95
N ALA A 210 -43.31 -17.23 6.72
CA ALA A 210 -44.45 -16.34 6.88
C ALA A 210 -45.47 -16.49 5.76
N GLY A 211 -45.11 -17.14 4.63
CA GLY A 211 -46.03 -17.36 3.51
C GLY A 211 -46.20 -16.16 2.60
N LEU A 212 -45.17 -15.33 2.47
CA LEU A 212 -45.32 -14.12 1.66
C LEU A 212 -44.22 -14.04 0.68
N PRO A 213 -44.55 -13.60 -0.55
CA PRO A 213 -43.50 -13.45 -1.56
C PRO A 213 -42.47 -12.37 -1.14
N LEU A 214 -41.23 -12.55 -1.55
CA LEU A 214 -40.17 -11.59 -1.24
C LEU A 214 -39.62 -11.02 -2.52
N ARG A 215 -39.75 -9.72 -2.67
CA ARG A 215 -39.16 -9.01 -3.80
C ARG A 215 -37.83 -8.47 -3.38
N VAL A 216 -36.79 -8.64 -4.21
CA VAL A 216 -35.42 -8.33 -3.88
C VAL A 216 -34.89 -7.32 -4.88
N TRP A 217 -34.41 -6.19 -4.40
CA TRP A 217 -33.65 -5.27 -5.24
C TRP A 217 -32.21 -5.23 -4.78
N GLY A 218 -31.27 -5.18 -5.70
CA GLY A 218 -29.88 -4.98 -5.29
C GLY A 218 -28.90 -5.31 -6.35
N ALA A 219 -27.70 -4.81 -6.17
CA ALA A 219 -26.65 -5.02 -7.09
C ALA A 219 -26.00 -6.37 -6.86
N LEU A 220 -25.68 -7.05 -7.94
CA LEU A 220 -25.00 -8.37 -7.84
C LEU A 220 -23.51 -8.21 -7.76
N THR A 221 -23.02 -7.75 -6.62
CA THR A 221 -21.63 -7.42 -6.47
C THR A 221 -20.77 -8.63 -6.20
N GLU A 222 -21.38 -9.73 -5.75
CA GLU A 222 -20.63 -10.94 -5.31
C GLU A 222 -21.28 -12.14 -6.09
N PRO A 223 -20.85 -12.33 -7.32
CA PRO A 223 -21.50 -13.41 -8.13
C PRO A 223 -21.36 -14.81 -7.50
N ASP A 224 -20.27 -15.06 -6.78
CA ASP A 224 -20.16 -16.40 -6.14
C ASP A 224 -21.23 -16.60 -5.08
N TYR A 225 -21.48 -15.56 -4.29
CA TYR A 225 -22.50 -15.61 -3.23
C TYR A 225 -23.88 -15.73 -3.77
N TRP A 226 -24.19 -14.95 -4.79
CA TRP A 226 -25.45 -15.10 -5.48
C TRP A 226 -25.68 -16.55 -6.01
N GLN A 227 -24.66 -17.14 -6.64
CA GLN A 227 -24.83 -18.56 -7.09
C GLN A 227 -25.00 -19.49 -5.88
N ARG A 228 -24.31 -19.26 -4.77
CA ARG A 228 -24.54 -20.08 -3.58
C ARG A 228 -25.96 -19.98 -3.10
N LEU A 229 -26.55 -18.78 -3.12
CA LEU A 229 -27.96 -18.67 -2.73
C LEU A 229 -28.86 -19.42 -3.69
N GLN A 230 -28.53 -19.35 -4.97
CA GLN A 230 -29.33 -20.15 -5.93
C GLN A 230 -29.22 -21.64 -5.71
N GLN A 231 -28.02 -22.09 -5.38
CA GLN A 231 -27.71 -23.50 -5.09
C GLN A 231 -28.58 -23.94 -3.88
N GLN A 232 -28.70 -23.10 -2.86
CA GLN A 232 -29.39 -23.47 -1.60
C GLN A 232 -30.89 -23.34 -1.63
N PHE A 233 -31.41 -22.25 -2.18
CA PHE A 233 -32.84 -21.97 -2.18
C PHE A 233 -33.59 -22.21 -3.49
N GLY A 234 -32.85 -22.36 -4.58
CA GLY A 234 -33.41 -22.55 -5.92
C GLY A 234 -33.70 -21.20 -6.58
N ASP A 235 -33.84 -21.22 -7.91
CA ASP A 235 -34.01 -20.01 -8.74
C ASP A 235 -35.36 -19.24 -8.55
N ARG A 236 -36.39 -19.87 -7.95
CA ARG A 236 -37.74 -19.27 -7.77
C ARG A 236 -38.11 -18.92 -6.32
N ALA A 237 -37.10 -18.73 -5.46
CA ALA A 237 -37.29 -18.49 -4.01
C ALA A 237 -37.55 -16.98 -3.64
N VAL A 238 -37.09 -16.10 -4.52
CA VAL A 238 -37.20 -14.67 -4.36
C VAL A 238 -37.71 -14.22 -5.70
N SER A 239 -38.44 -13.11 -5.77
CA SER A 239 -38.64 -12.42 -7.02
C SER A 239 -37.57 -11.30 -7.19
N TYR A 240 -36.53 -11.55 -7.99
CA TYR A 240 -35.44 -10.56 -8.17
C TYR A 240 -35.81 -9.45 -9.11
N GLN A 241 -35.70 -8.20 -8.64
CA GLN A 241 -36.14 -7.04 -9.39
C GLN A 241 -35.01 -6.31 -10.07
N GLY A 242 -33.78 -6.78 -9.93
CA GLY A 242 -32.65 -6.06 -10.46
C GLY A 242 -32.12 -4.95 -9.55
N PHE A 243 -31.20 -4.22 -10.10
CA PHE A 243 -30.66 -3.02 -9.46
C PHE A 243 -31.18 -1.84 -10.24
N VAL A 244 -31.86 -0.96 -9.57
CA VAL A 244 -32.64 0.08 -10.24
C VAL A 244 -32.39 1.43 -9.71
N SER A 245 -32.81 2.44 -10.48
CA SER A 245 -32.69 3.81 -10.06
C SER A 245 -33.52 4.14 -8.86
N THR A 246 -33.25 5.25 -8.22
CA THR A 246 -34.03 5.71 -7.06
C THR A 246 -35.55 5.81 -7.39
N ASP A 247 -35.84 6.41 -8.55
CA ASP A 247 -37.24 6.53 -8.95
C ASP A 247 -37.93 5.16 -9.12
N GLU A 248 -37.26 4.17 -9.72
CA GLU A 248 -37.86 2.87 -9.87
C GLU A 248 -37.92 2.16 -8.52
N LEU A 249 -36.88 2.34 -7.73
CA LEU A 249 -36.85 1.72 -6.36
C LEU A 249 -38.00 2.18 -5.51
N GLN A 250 -38.26 3.49 -5.39
CA GLN A 250 -39.24 3.99 -4.53
C GLN A 250 -40.65 3.50 -5.02
N ARG A 251 -40.84 3.36 -6.34
CA ARG A 251 -42.15 2.94 -6.84
C ARG A 251 -42.35 1.48 -6.48
N GLY A 252 -41.26 0.69 -6.56
CA GLY A 252 -41.40 -0.74 -6.31
C GLY A 252 -41.51 -1.02 -4.84
N LEU A 253 -40.69 -0.34 -4.06
CA LEU A 253 -40.59 -0.64 -2.62
C LEU A 253 -41.88 -0.23 -1.93
N GLY A 254 -42.48 0.90 -2.36
CA GLY A 254 -43.76 1.37 -1.85
C GLY A 254 -44.91 0.38 -1.87
N ARG A 255 -44.83 -0.56 -2.80
CA ARG A 255 -45.87 -1.56 -2.95
C ARG A 255 -45.79 -2.67 -1.87
N CYS A 256 -44.70 -2.70 -1.09
CA CYS A 256 -44.46 -3.76 -0.13
C CYS A 256 -45.10 -3.42 1.21
N GLN A 257 -45.56 -4.46 1.90
CA GLN A 257 -46.12 -4.34 3.24
C GLN A 257 -45.06 -4.07 4.32
N GLY A 258 -43.86 -4.49 4.04
CA GLY A 258 -42.70 -4.25 4.93
C GLY A 258 -41.41 -4.54 4.25
N LEU A 259 -40.33 -3.95 4.82
CA LEU A 259 -38.98 -4.17 4.34
C LEU A 259 -38.31 -5.00 5.41
N LEU A 260 -37.74 -6.13 5.02
CA LEU A 260 -36.95 -6.96 5.93
C LEU A 260 -35.50 -6.57 5.86
N THR A 262 -31.97 -8.02 7.48
CA THR A 262 -31.45 -9.20 8.18
C THR A 262 -29.91 -9.32 8.12
N PRO A 263 -29.21 -8.22 8.40
CA PRO A 263 -27.74 -8.19 8.23
C PRO A 263 -26.99 -9.17 9.18
N LYS A 264 -25.98 -9.84 8.65
CA LYS A 264 -25.06 -10.65 9.45
C LYS A 264 -24.12 -9.69 10.16
N TRP A 265 -23.57 -8.67 9.48
CA TRP A 265 -22.78 -7.67 10.20
C TRP A 265 -23.57 -6.68 11.02
N VAL A 266 -22.88 -5.82 11.73
CA VAL A 266 -23.48 -4.68 12.39
C VAL A 266 -23.63 -3.52 11.36
N GLU A 267 -24.86 -3.24 10.99
CA GLU A 267 -25.14 -2.23 10.01
C GLU A 267 -24.78 -0.86 10.58
N ALA A 268 -24.02 -0.03 9.89
CA ALA A 268 -23.68 1.31 10.41
C ALA A 268 -24.86 2.26 10.42
N PHE A 269 -25.64 2.20 9.36
CA PHE A 269 -26.81 3.00 9.26
C PHE A 269 -27.90 2.21 8.55
N GLY A 270 -27.87 2.15 7.21
CA GLY A 270 -28.85 1.38 6.47
C GLY A 270 -29.79 2.30 5.74
N ASN A 271 -29.30 2.91 4.67
CA ASN A 271 -30.11 3.86 3.86
C ASN A 271 -31.44 3.27 3.51
N VAL A 272 -31.44 1.98 3.20
CA VAL A 272 -32.69 1.38 2.74
C VAL A 272 -33.81 1.48 3.79
N ALA A 273 -33.47 1.56 5.07
CA ALA A 273 -34.49 1.72 6.10
C ALA A 273 -35.20 3.05 5.94
N ILE A 274 -34.44 4.11 5.67
CA ILE A 274 -35.06 5.43 5.64
C ILE A 274 -35.81 5.58 4.31
N GLU A 275 -35.33 4.95 3.25
CA GLU A 275 -36.04 4.92 1.99
C GLU A 275 -37.40 4.23 2.12
N ALA A 276 -37.38 3.08 2.80
CA ALA A 276 -38.66 2.46 3.09
C ALA A 276 -39.63 3.38 3.85
N LEU A 277 -39.18 3.99 4.93
CA LEU A 277 -40.09 4.86 5.72
C LEU A 277 -40.60 5.99 4.83
N ALA A 278 -39.74 6.52 3.96
CA ALA A 278 -40.17 7.58 3.05
C ALA A 278 -41.34 7.17 2.11
N CYS A 279 -41.44 5.89 1.74
CA CYS A 279 -42.51 5.33 0.93
C CYS A 279 -43.73 4.87 1.73
N GLY A 280 -43.66 5.00 3.05
CA GLY A 280 -44.66 4.56 3.99
C GLY A 280 -44.57 3.09 4.32
N LEU A 281 -43.37 2.53 4.10
CA LEU A 281 -43.13 1.17 4.42
C LEU A 281 -42.46 0.92 5.74
N PRO A 282 -43.10 0.18 6.62
CA PRO A 282 -42.48 -0.18 7.93
C PRO A 282 -41.34 -1.17 7.76
N VAL A 283 -40.35 -1.12 8.67
CA VAL A 283 -39.12 -1.85 8.54
C VAL A 283 -39.01 -2.86 9.70
N ILE A 284 -38.72 -4.10 9.36
CA ILE A 284 -38.40 -5.14 10.36
C ILE A 284 -36.92 -5.38 10.26
N ALA A 285 -36.23 -5.19 11.38
CA ALA A 285 -34.81 -5.37 11.43
C ALA A 285 -34.38 -5.99 12.74
N TYR A 286 -33.20 -6.54 12.71
CA TYR A 286 -32.56 -6.94 13.95
C TYR A 286 -32.26 -5.72 14.80
N ALA A 287 -32.31 -5.89 16.14
CA ALA A 287 -32.09 -4.82 17.10
C ALA A 287 -30.58 -4.72 17.32
N ARG A 288 -29.85 -4.35 16.25
CA ARG A 288 -28.44 -4.21 16.30
C ARG A 288 -28.03 -3.14 15.28
N GLY A 289 -27.08 -2.32 15.65
CA GLY A 289 -26.57 -1.34 14.66
C GLY A 289 -27.50 -0.18 14.37
N GLY A 290 -27.28 0.49 13.25
CA GLY A 290 -28.03 1.70 12.95
C GLY A 290 -29.57 1.67 13.00
N PRO A 291 -30.19 0.54 12.62
CA PRO A 291 -31.62 0.51 12.67
C PRO A 291 -32.22 0.81 14.05
N LEU A 292 -31.46 0.59 15.11
CA LEU A 292 -31.91 1.01 16.46
C LEU A 292 -32.12 2.49 16.62
N GLU A 293 -31.40 3.26 15.80
CA GLU A 293 -31.51 4.69 15.82
C GLU A 293 -32.46 5.21 14.82
N ILE A 294 -33.04 4.35 13.99
CA ILE A 294 -33.92 4.79 12.89
C ILE A 294 -35.37 4.44 13.14
N ILE A 295 -35.59 3.20 13.54
CA ILE A 295 -36.93 2.68 13.69
C ILE A 295 -37.43 2.93 15.08
N GLU A 296 -38.73 3.16 15.21
CA GLU A 296 -39.42 3.26 16.52
C GLU A 296 -40.24 2.03 16.77
N GLN A 297 -39.86 1.27 17.78
CA GLN A 297 -40.39 -0.02 18.07
C GLN A 297 -41.90 0.03 18.10
N GLY A 298 -42.52 -0.80 17.29
CA GLY A 298 -43.94 -0.90 17.23
C GLY A 298 -44.71 0.30 16.67
N LYS A 299 -44.01 1.25 16.01
CA LYS A 299 -44.60 2.51 15.47
C LYS A 299 -44.22 2.59 14.00
N SER A 300 -42.92 2.56 13.69
CA SER A 300 -42.49 2.58 12.27
C SER A 300 -41.82 1.30 11.87
N GLY A 301 -41.90 0.30 12.73
CA GLY A 301 -41.28 -0.95 12.42
C GLY A 301 -41.19 -1.84 13.63
N TRP A 302 -40.35 -2.86 13.48
CA TRP A 302 -40.08 -3.85 14.55
C TRP A 302 -38.59 -4.09 14.65
N LEU A 303 -38.04 -3.95 15.87
CA LEU A 303 -36.65 -4.29 16.16
C LEU A 303 -36.59 -5.56 16.94
N VAL A 304 -36.17 -6.64 16.29
CA VAL A 304 -36.33 -7.94 16.89
C VAL A 304 -35.02 -8.53 17.27
N GLU A 305 -35.13 -9.50 18.16
CA GLU A 305 -33.96 -10.16 18.63
C GLU A 305 -33.09 -10.57 17.50
N PRO A 306 -31.82 -10.14 17.58
CA PRO A 306 -30.99 -10.47 16.45
C PRO A 306 -30.92 -11.89 16.18
N ASP A 307 -30.81 -12.20 14.91
CA ASP A 307 -30.64 -13.60 14.47
C ASP A 307 -31.63 -14.68 14.87
N GLN A 308 -32.88 -14.34 15.14
CA GLN A 308 -33.95 -15.34 15.46
C GLN A 308 -35.03 -15.40 14.41
N GLN A 309 -35.19 -16.52 13.71
CA GLN A 309 -36.20 -16.65 12.65
C GLN A 309 -37.61 -16.46 13.10
N ALA A 310 -37.94 -16.98 14.27
CA ALA A 310 -39.27 -16.91 14.76
C ALA A 310 -39.65 -15.48 15.04
N ALA A 311 -38.71 -14.66 15.51
CA ALA A 311 -38.99 -13.26 15.79
C ALA A 311 -39.35 -12.52 14.48
N LEU A 312 -38.63 -12.83 13.41
CA LEU A 312 -38.87 -12.23 12.09
C LEU A 312 -40.23 -12.65 11.57
N VAL A 313 -40.55 -13.94 11.71
CA VAL A 313 -41.86 -14.40 11.24
C VAL A 313 -42.93 -13.72 12.03
N ASN A 314 -42.71 -13.57 13.34
CA ASN A 314 -43.73 -12.92 14.15
C ASN A 314 -43.93 -11.46 13.77
N ALA A 315 -42.82 -10.76 13.54
CA ALA A 315 -42.86 -9.37 13.14
C ALA A 315 -43.62 -9.16 11.81
N ILE A 316 -43.40 -10.08 10.89
CA ILE A 316 -44.10 -10.09 9.58
C ILE A 316 -45.61 -10.16 9.83
N GLY A 317 -46.01 -11.00 10.78
CA GLY A 317 -47.42 -11.07 11.18
C GLY A 317 -48.03 -9.82 11.84
N GLN A 318 -47.19 -8.89 12.29
CA GLN A 318 -47.67 -7.69 12.96
C GLN A 318 -47.41 -6.44 12.09
N LEU A 319 -47.26 -6.59 10.78
CA LEU A 319 -47.05 -5.42 9.92
C LEU A 319 -48.32 -4.63 9.72
N SER A 320 -49.45 -5.34 9.65
CA SER A 320 -50.72 -4.69 9.30
C SER A 320 -51.13 -3.70 10.37
N SER A 321 -50.72 -3.91 11.61
CA SER A 321 -51.03 -3.01 12.71
C SER A 321 -50.30 -1.65 12.71
N LEU A 322 -49.24 -1.49 11.92
CA LEU A 322 -48.44 -0.24 11.90
C LEU A 322 -49.02 0.78 10.92
N ASP A 323 -48.93 2.04 11.25
CA ASP A 323 -49.56 3.07 10.44
C ASP A 323 -48.54 3.55 9.41
N ARG A 324 -48.79 3.27 8.16
CA ARG A 324 -47.85 3.66 7.09
C ARG A 324 -47.65 5.16 7.02
N ALA A 325 -48.69 5.94 7.31
CA ALA A 325 -48.57 7.42 7.38
C ALA A 325 -47.60 7.88 8.46
N TYR A 326 -47.57 7.17 9.59
CA TYR A 326 -46.62 7.43 10.64
C TYR A 326 -45.17 7.23 10.17
N CYS A 327 -44.93 6.16 9.42
CA CYS A 327 -43.60 5.90 8.87
C CYS A 327 -43.16 7.10 7.98
N ARG A 328 -44.07 7.50 7.08
CA ARG A 328 -43.81 8.61 6.18
C ARG A 328 -43.54 9.89 6.97
N ALA A 329 -44.31 10.14 8.02
CA ALA A 329 -44.15 11.32 8.84
C ALA A 329 -42.81 11.37 9.54
N GLN A 330 -42.35 10.21 10.00
CA GLN A 330 -41.05 10.11 10.61
C GLN A 330 -39.94 10.44 9.59
N ALA A 331 -40.11 9.95 8.37
CA ALA A 331 -39.15 10.22 7.34
C ALA A 331 -39.06 11.75 7.12
N GLU A 332 -40.22 12.42 7.04
CA GLU A 332 -40.22 13.84 6.79
C GLU A 332 -39.64 14.64 7.93
N ALA A 333 -39.94 14.23 9.16
CA ALA A 333 -39.46 14.95 10.32
C ALA A 333 -37.97 14.81 10.55
N ARG A 334 -37.42 13.66 10.21
CA ARG A 334 -36.05 13.35 10.64
C ARG A 334 -35.00 13.31 9.53
N PHE A 335 -35.41 12.95 8.33
CA PHE A 335 -34.43 12.61 7.28
C PHE A 335 -34.40 13.56 6.11
N SER A 336 -34.76 14.84 6.34
CA SER A 336 -34.75 15.82 5.26
C SER A 336 -33.39 16.30 4.89
N LEU A 337 -33.24 16.69 3.63
CA LEU A 337 -32.03 17.38 3.25
C LEU A 337 -31.78 18.68 3.94
N ALA A 338 -32.85 19.44 4.20
CA ALA A 338 -32.63 20.75 4.87
C ALA A 338 -31.92 20.62 6.23
N ALA A 339 -32.36 19.67 7.02
CA ALA A 339 -31.79 19.41 8.33
C ALA A 339 -30.37 18.86 8.19
N GLY A 341 -28.36 19.63 5.78
CA GLY A 341 -27.52 20.78 5.39
C GLY A 341 -27.01 21.56 6.59
N GLN A 342 -27.90 21.74 7.56
CA GLN A 342 -27.53 22.33 8.86
C GLN A 342 -26.44 21.56 9.60
N ARG A 343 -26.61 20.26 9.68
CA ARG A 343 -25.65 19.40 10.36
C ARG A 343 -24.33 19.43 9.62
N LEU A 344 -24.35 19.38 8.27
CA LEU A 344 -23.06 19.47 7.53
C LEU A 344 -22.31 20.77 7.76
N GLU A 345 -23.06 21.87 7.75
CA GLU A 345 -22.45 23.16 7.92
C GLU A 345 -21.86 23.25 9.33
N ALA A 346 -22.58 22.73 10.32
CA ALA A 346 -22.09 22.74 11.70
C ALA A 346 -20.80 21.89 11.86
N TRP A 347 -20.71 20.84 11.06
CA TRP A 347 -19.48 20.01 10.98
C TRP A 347 -18.34 20.69 10.27
N LEU A 348 -18.60 21.07 9.02
CA LEU A 348 -17.53 21.47 8.09
C LEU A 348 -17.07 22.91 8.17
N LEU A 349 -17.95 23.86 8.48
CA LEU A 349 -17.55 25.26 8.46
C LEU A 349 -16.46 25.56 9.44
N PRO A 350 -16.48 25.00 10.65
CA PRO A 350 -15.40 25.28 11.59
C PRO A 350 -14.03 24.73 11.13
N LEU A 351 -14.03 23.77 10.21
CA LEU A 351 -12.77 23.23 9.67
C LEU A 351 -12.08 24.17 8.66
N LEU A 352 -12.82 25.12 8.13
CA LEU A 352 -12.27 26.13 7.26
C LEU A 352 -11.47 27.22 8.03
N SER A 353 -11.72 27.50 9.30
CA SER A 353 -11.03 28.63 9.98
C SER A 353 -10.43 28.27 11.34
N ARG A 354 -9.14 27.89 11.28
CA ARG A 354 -8.36 27.37 12.41
C ARG A 354 -6.88 27.80 12.29
N THR B 1 29.35 25.39 -3.13
CA THR B 1 27.89 25.16 -3.41
C THR B 1 27.37 23.89 -2.68
N ALA B 2 27.37 24.02 -1.36
CA ALA B 2 27.02 22.95 -0.44
C ALA B 2 25.51 22.97 -0.21
N HIS B 3 24.95 21.79 -0.01
CA HIS B 3 23.51 21.64 0.20
C HIS B 3 23.24 20.67 1.34
N ARG B 4 21.95 20.58 1.73
CA ARG B 4 21.51 19.82 2.88
C ARG B 4 20.55 18.73 2.35
N PHE B 5 20.94 17.50 2.57
CA PHE B 5 20.20 16.37 2.10
C PHE B 5 19.61 15.56 3.28
N LEU B 6 18.42 15.00 3.03
CA LEU B 6 17.82 14.04 3.95
C LEU B 6 17.76 12.65 3.24
N PHE B 7 18.34 11.61 3.80
CA PHE B 7 18.33 10.31 3.21
C PHE B 7 17.29 9.52 3.98
N VAL B 8 16.34 8.90 3.30
CA VAL B 8 15.36 8.09 3.94
C VAL B 8 15.60 6.64 3.55
N SER B 9 15.83 5.83 4.56
CA SER B 9 16.35 4.51 4.37
C SER B 9 15.26 3.50 3.97
N THR B 10 15.71 2.29 3.71
CA THR B 10 14.78 1.20 3.44
C THR B 10 13.98 0.81 4.67
N PRO B 11 12.68 0.48 4.49
CA PRO B 11 11.80 0.00 5.53
C PRO B 11 11.86 -1.47 5.79
N VAL B 12 12.74 -2.22 5.14
CA VAL B 12 12.78 -3.67 5.42
C VAL B 12 13.45 -4.11 6.74
N GLY B 13 14.21 -3.22 7.35
CA GLY B 13 14.83 -3.50 8.65
C GLY B 13 15.79 -2.38 9.01
N PRO B 14 16.30 -2.37 10.25
CA PRO B 14 17.19 -1.30 10.67
C PRO B 14 18.53 -1.34 9.96
N LEU B 15 19.15 -0.18 9.85
CA LEU B 15 20.57 -0.09 9.45
C LEU B 15 21.50 -0.61 10.58
N GLY B 16 22.56 -1.36 10.23
CA GLY B 16 23.34 -2.17 11.23
C GLY B 16 22.87 -3.62 11.51
N SER B 17 21.70 -4.03 11.02
CA SER B 17 21.10 -5.32 11.38
C SER B 17 21.39 -6.49 10.39
N GLY B 18 21.77 -6.15 9.14
CA GLY B 18 21.82 -7.12 8.07
C GLY B 18 20.57 -7.20 7.19
N ARG B 19 19.38 -6.92 7.74
CA ARG B 19 18.12 -6.98 6.94
C ARG B 19 18.08 -5.89 5.90
N GLY B 20 18.64 -4.71 6.21
CA GLY B 20 18.79 -3.65 5.21
C GLY B 20 19.45 -4.08 3.89
N GLY B 21 20.12 -5.24 3.86
CA GLY B 21 20.76 -5.78 2.66
C GLY B 21 21.89 -4.89 2.12
N GLY B 22 21.96 -4.72 0.80
CA GLY B 22 22.94 -3.84 0.17
C GLY B 22 22.81 -2.36 0.60
N VAL B 23 21.60 -1.96 0.99
CA VAL B 23 21.38 -0.57 1.48
C VAL B 23 22.25 -0.28 2.71
N GLU B 24 22.51 -1.31 3.53
CA GLU B 24 23.45 -1.24 4.69
C GLU B 24 24.78 -0.64 4.32
N LEU B 25 25.29 -0.95 3.12
CA LEU B 25 26.56 -0.38 2.65
C LEU B 25 26.33 0.89 1.83
N THR B 26 25.36 0.84 0.94
CA THR B 26 25.10 1.91 0.02
C THR B 26 24.75 3.25 0.70
N LEU B 27 23.81 3.25 1.65
CA LEU B 27 23.37 4.57 2.20
C LEU B 27 24.54 5.26 2.96
N PRO B 28 25.25 4.53 3.85
CA PRO B 28 26.37 5.25 4.51
C PRO B 28 27.47 5.67 3.58
N ASN B 29 27.76 4.81 2.57
CA ASN B 29 28.78 5.18 1.58
C ASN B 29 28.40 6.39 0.71
N LEU B 30 27.16 6.46 0.22
CA LEU B 30 26.73 7.62 -0.52
C LEU B 30 26.69 8.88 0.36
N ALA B 31 26.36 8.69 1.63
CA ALA B 31 26.33 9.87 2.56
C ALA B 31 27.76 10.41 2.71
N LYS B 32 28.71 9.51 2.85
CA LYS B 32 30.12 9.90 3.02
C LYS B 32 30.60 10.53 1.73
N ALA B 33 30.15 10.01 0.58
CA ALA B 33 30.51 10.55 -0.72
C ALA B 33 30.12 12.01 -0.80
N LEU B 34 28.97 12.34 -0.22
CA LEU B 34 28.50 13.73 -0.20
C LEU B 34 29.11 14.55 0.92
N THR B 35 29.25 14.00 2.12
CA THR B 35 29.80 14.77 3.26
C THR B 35 31.25 15.10 3.02
N GLN B 36 31.97 14.25 2.29
CA GLN B 36 33.40 14.50 2.00
C GLN B 36 33.55 15.63 0.98
N ARG B 37 32.43 16.00 0.34
CA ARG B 37 32.43 17.13 -0.51
C ARG B 37 31.88 18.40 0.14
N GLY B 38 31.59 18.36 1.43
CA GLY B 38 31.17 19.53 2.16
C GLY B 38 29.67 19.69 2.35
N HIS B 39 28.87 18.75 1.84
CA HIS B 39 27.40 18.79 2.08
C HIS B 39 27.01 18.25 3.44
N GLN B 40 25.79 18.48 3.87
CA GLN B 40 25.27 17.91 5.14
C GLN B 40 24.30 16.80 4.75
N VAL B 41 24.37 15.70 5.45
CA VAL B 41 23.44 14.58 5.23
C VAL B 41 22.89 14.13 6.59
N SER B 42 21.56 14.07 6.66
CA SER B 42 20.87 13.54 7.81
C SER B 42 20.13 12.31 7.32
N VAL B 43 19.82 11.41 8.23
CA VAL B 43 19.22 10.12 7.88
C VAL B 43 18.02 9.87 8.72
N LEU B 44 16.97 9.36 8.07
CA LEU B 44 15.83 8.82 8.76
C LEU B 44 15.73 7.32 8.49
N ALA B 45 15.55 6.50 9.53
CA ALA B 45 15.59 5.04 9.41
C ALA B 45 14.73 4.39 10.44
N PRO B 46 14.49 3.07 10.32
CA PRO B 46 13.67 2.38 11.32
C PRO B 46 14.37 2.32 12.66
N ALA B 47 13.56 2.16 13.69
CA ALA B 47 13.98 1.85 15.04
C ALA B 47 15.04 0.75 15.06
N GLY B 48 16.04 0.96 15.94
CA GLY B 48 17.17 0.04 16.07
C GLY B 48 18.31 0.28 15.12
N SER B 49 18.17 1.26 14.23
CA SER B 49 19.22 1.60 13.29
C SER B 49 20.36 2.17 14.03
N VAL B 50 21.55 1.88 13.53
CA VAL B 50 22.79 2.42 14.08
C VAL B 50 23.60 2.91 12.92
N LEU B 51 24.07 4.14 13.05
CA LEU B 51 24.82 4.78 12.00
C LEU B 51 25.75 5.82 12.63
N PRO B 52 27.02 5.43 12.86
CA PRO B 52 27.95 6.40 13.43
C PRO B 52 28.15 7.59 12.50
N ASP B 53 28.37 8.75 13.09
CA ASP B 53 28.90 9.93 12.40
C ASP B 53 27.88 10.80 11.70
N LEU B 54 26.65 10.32 11.52
CA LEU B 54 25.66 11.14 10.82
C LEU B 54 24.50 11.40 11.73
N PRO B 55 23.84 12.52 11.58
CA PRO B 55 22.59 12.78 12.27
C PRO B 55 21.60 11.68 11.84
N LEU B 56 21.00 11.02 12.80
CA LEU B 56 20.14 9.84 12.57
C LEU B 56 18.94 9.97 13.45
N GLU B 57 17.76 9.88 12.88
CA GLU B 57 16.50 9.86 13.61
C GLU B 57 15.82 8.57 13.25
N THR B 58 15.31 7.88 14.23
CA THR B 58 14.68 6.61 14.03
C THR B 58 13.22 6.66 14.28
N VAL B 59 12.51 5.80 13.56
CA VAL B 59 11.08 5.73 13.49
C VAL B 59 10.57 4.37 13.85
N PRO B 60 9.57 4.29 14.75
CA PRO B 60 9.04 2.98 15.08
C PRO B 60 8.08 2.42 14.02
N GLY B 61 7.88 1.11 14.06
CA GLY B 61 6.81 0.43 13.30
C GLY B 61 7.23 -0.82 12.57
N THR B 62 6.26 -1.42 11.90
CA THR B 62 6.39 -2.74 11.30
C THR B 62 7.16 -2.60 10.02
N TRP B 63 8.13 -3.48 9.90
CA TRP B 63 8.93 -3.58 8.68
C TRP B 63 8.11 -3.94 7.46
N GLN B 64 8.54 -3.45 6.33
CA GLN B 64 7.89 -3.77 5.10
C GLN B 64 8.37 -5.18 4.70
N SER B 65 7.50 -5.96 4.11
CA SER B 65 7.90 -7.28 3.62
C SER B 65 8.66 -7.07 2.31
N THR B 66 9.60 -7.95 2.10
CA THR B 66 10.51 -7.75 0.99
C THR B 66 9.78 -7.83 -0.36
N ALA B 67 10.19 -7.00 -1.31
CA ALA B 67 9.49 -6.85 -2.56
C ALA B 67 9.67 -8.16 -3.37
N GLN B 68 10.85 -8.78 -3.23
CA GLN B 68 11.12 -9.99 -4.07
C GLN B 68 10.29 -11.20 -3.63
N SER B 69 9.67 -11.15 -2.44
CA SER B 69 8.85 -12.23 -1.93
C SER B 69 7.45 -12.26 -2.57
N HIS B 70 7.13 -11.28 -3.40
CA HIS B 70 5.77 -11.10 -3.90
C HIS B 70 5.79 -11.21 -5.39
N GLY B 71 4.66 -11.56 -5.95
CA GLY B 71 4.56 -11.75 -7.37
C GLY B 71 4.26 -10.49 -8.12
N ARG B 72 4.37 -10.54 -9.43
CA ARG B 72 4.24 -9.33 -10.23
C ARG B 72 2.86 -8.62 -10.21
N ALA B 73 1.79 -9.37 -9.96
CA ALA B 73 0.48 -8.71 -9.97
C ALA B 73 0.08 -8.25 -8.53
N THR B 74 0.88 -8.53 -7.51
CA THR B 74 0.45 -8.22 -6.15
C THR B 74 0.38 -6.67 -5.96
N PRO B 75 -0.64 -6.22 -5.23
CA PRO B 75 -0.76 -4.80 -4.92
C PRO B 75 0.38 -4.30 -4.01
N ALA B 76 0.63 -2.99 -3.98
CA ALA B 76 1.44 -2.39 -2.87
C ALA B 76 0.70 -2.58 -1.59
N GLU B 77 1.43 -2.85 -0.51
CA GLU B 77 0.80 -3.10 0.77
C GLU B 77 1.43 -2.14 1.79
N ILE B 78 0.58 -1.65 2.67
CA ILE B 78 1.02 -0.88 3.80
C ILE B 78 0.46 -1.52 5.07
N PRO B 79 1.31 -2.16 5.88
CA PRO B 79 0.82 -2.88 7.05
C PRO B 79 0.38 -1.94 8.17
N ALA B 80 -0.42 -2.42 9.08
CA ALA B 80 -0.64 -1.71 10.27
C ALA B 80 0.68 -1.34 10.94
N GLU B 81 0.74 -0.12 11.46
CA GLU B 81 1.93 0.51 12.07
C GLU B 81 3.16 0.56 11.17
N SER B 82 2.93 0.66 9.84
CA SER B 82 3.98 0.68 8.83
C SER B 82 5.09 1.66 9.13
N VAL B 83 6.32 1.15 9.27
CA VAL B 83 7.47 2.04 9.36
C VAL B 83 7.67 2.87 8.09
N LEU B 84 7.34 2.32 6.92
CA LEU B 84 7.46 3.07 5.67
C LEU B 84 6.55 4.29 5.68
N ALA B 85 5.30 4.09 6.05
CA ALA B 85 4.40 5.21 6.08
C ALA B 85 4.88 6.29 7.09
N ARG B 86 5.35 5.83 8.23
CA ARG B 86 5.78 6.74 9.27
C ARG B 86 7.04 7.52 8.89
N LEU B 87 7.95 6.88 8.16
CA LEU B 87 9.14 7.54 7.66
C LEU B 87 8.80 8.69 6.79
N TRP B 88 7.87 8.47 5.86
CA TRP B 88 7.52 9.48 4.85
C TRP B 88 6.63 10.61 5.46
N ASP B 89 5.80 10.26 6.44
CA ASP B 89 5.08 11.31 7.22
C ASP B 89 6.13 12.23 7.94
N ARG B 90 7.16 11.63 8.54
CA ARG B 90 8.18 12.35 9.26
C ARG B 90 9.07 13.12 8.32
N ALA B 91 9.47 12.56 7.16
CA ALA B 91 10.11 13.35 6.19
C ALA B 91 9.34 14.60 5.75
N HIS B 92 8.04 14.44 5.53
CA HIS B 92 7.22 15.52 5.02
C HIS B 92 7.20 16.66 6.07
N GLN B 93 7.10 16.29 7.33
CA GLN B 93 7.08 17.28 8.43
C GLN B 93 8.29 18.15 8.42
N GLN B 94 9.46 17.55 8.13
CA GLN B 94 10.73 18.28 8.12
C GLN B 94 11.32 18.65 6.79
N GLN B 95 10.52 18.59 5.72
CA GLN B 95 11.00 18.81 4.38
C GLN B 95 11.63 20.15 4.16
N ALA B 96 11.20 21.20 4.86
CA ALA B 96 11.75 22.54 4.59
C ALA B 96 13.13 22.75 5.21
N ASP B 97 13.60 21.78 5.99
CA ASP B 97 14.95 21.84 6.53
C ASP B 97 16.01 21.28 5.53
N PHE B 98 15.58 20.85 4.34
CA PHE B 98 16.48 20.19 3.39
C PHE B 98 16.29 20.72 2.00
N ASP B 99 17.38 20.72 1.23
CA ASP B 99 17.30 21.03 -0.18
C ASP B 99 16.76 19.90 -1.07
N LEU B 100 17.07 18.67 -0.68
CA LEU B 100 16.62 17.48 -1.39
C LEU B 100 16.50 16.34 -0.45
N ILE B 101 15.51 15.49 -0.75
CA ILE B 101 15.29 14.25 -0.07
C ILE B 101 15.60 13.05 -1.03
N LEU B 102 16.42 12.12 -0.58
CA LEU B 102 16.83 10.94 -1.39
C LEU B 102 16.24 9.70 -0.74
N ASN B 103 15.34 9.05 -1.47
CA ASN B 103 14.69 7.81 -1.08
C ASN B 103 15.50 6.59 -1.51
N PHE B 104 15.75 5.71 -0.57
CA PHE B 104 16.42 4.41 -0.83
C PHE B 104 15.47 3.24 -0.92
N ALA B 105 14.16 3.43 -0.65
CA ALA B 105 13.21 2.31 -0.52
C ALA B 105 12.64 1.89 -1.89
N TYR B 106 12.55 0.57 -2.09
CA TYR B 106 12.05 0.06 -3.34
C TYR B 106 10.56 -0.17 -2.98
N ASP B 107 9.81 0.92 -2.97
CA ASP B 107 8.42 0.86 -2.51
C ASP B 107 7.60 1.93 -3.24
N TRP B 108 6.33 1.56 -3.39
CA TRP B 108 5.37 2.37 -4.11
C TRP B 108 5.22 3.77 -3.43
N LEU B 109 4.98 3.74 -2.12
CA LEU B 109 4.60 4.97 -1.41
C LEU B 109 5.48 6.22 -1.70
N PRO B 110 6.82 6.15 -1.55
CA PRO B 110 7.59 7.33 -1.76
C PRO B 110 7.51 7.92 -3.18
N LEU B 111 7.43 7.05 -4.19
CA LEU B 111 7.27 7.52 -5.57
C LEU B 111 5.92 8.29 -5.72
N TYR B 112 4.90 7.69 -5.20
CA TYR B 112 3.55 8.31 -5.21
C TYR B 112 3.51 9.62 -4.51
N LEU B 113 4.21 9.72 -3.35
CA LEU B 113 4.25 10.91 -2.58
C LEU B 113 5.01 12.04 -3.17
N THR B 114 5.85 11.79 -4.18
CA THR B 114 6.73 12.82 -4.70
C THR B 114 6.08 14.21 -5.03
N PRO B 115 4.94 14.25 -5.75
CA PRO B 115 4.30 15.50 -5.99
C PRO B 115 3.62 16.16 -4.75
N PHE B 116 3.47 15.43 -3.68
CA PHE B 116 2.93 15.98 -2.45
C PHE B 116 4.00 16.68 -1.64
N PHE B 117 5.27 16.59 -2.03
CA PHE B 117 6.37 17.28 -1.42
C PHE B 117 6.66 18.57 -2.16
N LYS B 118 6.96 19.62 -1.42
CA LYS B 118 7.61 20.80 -2.01
C LYS B 118 9.12 20.61 -2.23
N THR B 119 9.80 20.03 -1.28
CA THR B 119 11.21 19.76 -1.45
C THR B 119 11.33 18.65 -2.52
N PRO B 120 12.24 18.81 -3.49
CA PRO B 120 12.51 17.69 -4.46
C PRO B 120 12.79 16.36 -3.78
N VAL B 121 12.25 15.28 -4.33
CA VAL B 121 12.54 13.93 -3.89
C VAL B 121 13.14 13.16 -5.04
N ALA B 122 14.35 12.59 -4.84
CA ALA B 122 14.99 11.67 -5.82
C ALA B 122 14.93 10.26 -5.30
N HIS B 123 15.03 9.32 -6.24
CA HIS B 123 14.91 7.93 -5.90
C HIS B 123 16.00 7.08 -6.45
N LEU B 124 16.66 6.35 -5.57
CA LEU B 124 17.70 5.36 -5.94
C LEU B 124 17.05 4.00 -5.87
N ILE B 125 16.86 3.45 -7.04
CA ILE B 125 16.12 2.21 -7.18
C ILE B 125 17.16 1.09 -7.06
N SER B 126 16.97 0.19 -6.11
CA SER B 126 18.02 -0.74 -5.71
C SER B 126 17.94 -2.11 -6.45
N GLY B 128 15.99 -4.61 -9.91
CA GLY B 128 15.30 -4.50 -11.18
C GLY B 128 13.79 -4.72 -10.96
N SER B 129 13.08 -4.87 -12.06
CA SER B 129 11.62 -4.95 -12.10
C SER B 129 11.08 -6.16 -11.36
N LEU B 130 10.14 -5.94 -10.45
CA LEU B 130 9.56 -6.95 -9.59
C LEU B 130 8.02 -6.96 -9.65
N SER B 131 7.40 -5.83 -9.97
CA SER B 131 5.94 -5.75 -10.00
C SER B 131 5.41 -4.72 -10.93
N GLU B 132 4.14 -4.92 -11.31
CA GLU B 132 3.45 -3.99 -12.11
C GLU B 132 3.25 -2.63 -11.38
N VAL B 133 2.87 -2.70 -10.12
CA VAL B 133 2.51 -1.45 -9.38
C VAL B 133 3.77 -0.63 -9.17
N ASP B 135 6.59 -0.90 -11.14
CA ASP B 135 6.98 -0.40 -12.44
C ASP B 135 6.25 0.85 -12.89
N GLN B 136 4.92 0.84 -12.72
CA GLN B 136 4.11 1.98 -13.16
C GLN B 136 4.41 3.20 -12.30
N ALA B 137 4.64 3.02 -11.00
CA ALA B 137 4.92 4.20 -10.19
C ALA B 137 6.23 4.88 -10.60
N ILE B 138 7.24 4.07 -10.91
CA ILE B 138 8.53 4.65 -11.37
C ILE B 138 8.36 5.37 -12.68
N ALA B 139 7.68 4.72 -13.63
CA ALA B 139 7.34 5.40 -14.89
C ALA B 139 6.67 6.70 -14.73
N THR B 140 5.66 6.76 -13.83
CA THR B 140 4.97 8.01 -13.61
C THR B 140 5.85 9.11 -13.07
N SER B 141 6.71 8.78 -12.10
CA SER B 141 7.57 9.79 -11.55
C SER B 141 8.62 10.17 -12.60
N LEU B 142 9.08 9.25 -13.45
CA LEU B 142 9.95 9.64 -14.59
C LEU B 142 9.29 10.59 -15.58
N ASP B 143 8.01 10.33 -15.94
CA ASP B 143 7.25 11.19 -16.85
C ASP B 143 7.07 12.52 -16.23
N ARG B 144 6.78 12.60 -14.92
CA ARG B 144 6.60 13.91 -14.31
C ARG B 144 7.87 14.58 -13.89
N TYR B 145 8.90 13.80 -13.57
CA TYR B 145 10.15 14.38 -13.01
C TYR B 145 11.35 13.71 -13.69
N PRO B 146 11.61 14.14 -14.93
CA PRO B 146 12.70 13.51 -15.71
C PRO B 146 14.06 13.65 -14.95
N GLY B 147 14.87 12.61 -14.91
CA GLY B 147 16.15 12.73 -14.25
C GLY B 147 16.10 12.41 -12.76
N SER B 148 14.94 11.98 -12.26
CA SER B 148 14.75 11.86 -10.80
C SER B 148 15.03 10.48 -10.30
N ILE B 149 15.32 9.52 -11.21
CA ILE B 149 15.47 8.16 -10.89
C ILE B 149 16.89 7.66 -11.25
N ALA B 150 17.56 7.00 -10.30
CA ALA B 150 18.85 6.35 -10.58
C ALA B 150 18.80 4.89 -10.30
N VAL B 151 19.72 4.14 -10.95
CA VAL B 151 19.91 2.74 -10.68
C VAL B 151 21.46 2.56 -10.45
N HIS B 152 21.78 1.40 -9.91
CA HIS B 152 23.21 1.00 -9.71
C HIS B 152 23.80 0.30 -10.95
N SER B 153 23.05 -0.52 -11.67
CA SER B 153 23.67 -1.26 -12.85
C SER B 153 22.84 -1.07 -14.12
N LEU B 154 23.52 -0.88 -15.27
CA LEU B 154 22.88 -0.58 -16.58
C LEU B 154 21.87 -1.66 -16.99
N ALA B 155 22.16 -2.85 -16.53
CA ALA B 155 21.34 -3.96 -16.71
C ALA B 155 20.01 -3.83 -15.98
N GLN B 156 20.10 -3.61 -14.63
CA GLN B 156 18.92 -3.53 -13.75
C GLN B 156 18.00 -2.64 -14.46
N ALA B 157 18.60 -1.59 -15.03
CA ALA B 157 17.94 -0.56 -15.75
C ALA B 157 17.16 -1.07 -16.99
N ALA B 158 17.77 -2.00 -17.66
CA ALA B 158 17.20 -2.55 -18.86
C ALA B 158 16.02 -3.49 -18.52
N THR B 159 15.94 -4.04 -17.26
CA THR B 159 14.79 -4.85 -16.82
C THR B 159 13.47 -4.09 -16.86
N PHE B 160 13.53 -2.78 -17.00
CA PHE B 160 12.41 -1.87 -16.98
C PHE B 160 12.27 -1.39 -18.42
N PRO B 161 11.05 -1.20 -18.90
CA PRO B 161 10.93 -0.62 -20.25
C PRO B 161 11.27 0.86 -20.42
N PHE B 162 11.44 1.59 -19.33
CA PHE B 162 11.81 3.01 -19.34
C PHE B 162 13.27 3.12 -18.85
N GLY B 163 13.96 1.98 -18.73
CA GLY B 163 15.36 1.91 -18.31
C GLY B 163 16.27 2.93 -18.94
N ASP B 164 16.11 3.11 -20.23
CA ASP B 164 16.82 4.16 -20.92
C ASP B 164 16.67 5.57 -20.34
N ARG B 165 15.63 5.87 -19.55
CA ARG B 165 15.54 7.19 -18.92
C ARG B 165 16.01 7.23 -17.42
N CYS B 166 16.52 6.12 -16.89
CA CYS B 166 17.10 6.07 -15.52
C CYS B 166 18.59 6.42 -15.58
N LEU B 167 19.15 7.02 -14.53
CA LEU B 167 20.58 7.31 -14.54
C LEU B 167 21.30 6.21 -13.80
N CYS B 168 22.42 5.74 -14.35
CA CYS B 168 23.17 4.70 -13.70
C CYS B 168 24.27 5.45 -12.94
N ILE B 169 24.28 5.29 -11.63
CA ILE B 169 25.27 5.98 -10.80
C ILE B 169 26.34 4.97 -10.34
N GLY B 170 26.20 3.70 -10.73
CA GLY B 170 27.13 2.68 -10.33
C GLY B 170 27.16 2.36 -8.86
N ASN B 171 28.35 2.00 -8.34
CA ASN B 171 28.50 1.51 -6.98
C ASN B 171 29.74 2.11 -6.33
N ALA B 172 29.74 2.15 -5.00
CA ALA B 172 30.82 2.80 -4.25
C ALA B 172 31.26 2.01 -3.03
N LEU B 173 32.55 2.09 -2.67
CA LEU B 173 33.01 1.58 -1.38
C LEU B 173 33.87 2.62 -0.71
N ASP B 174 34.08 2.43 0.58
CA ASP B 174 34.96 3.28 1.37
C ASP B 174 36.34 2.67 1.25
N LEU B 175 37.00 2.97 0.12
CA LEU B 175 38.24 2.31 -0.24
C LEU B 175 39.36 2.54 0.79
N ALA B 176 39.27 3.61 1.55
CA ALA B 176 40.26 3.85 2.61
C ALA B 176 40.22 2.82 3.70
N ALA B 177 39.13 2.06 3.84
CA ALA B 177 39.05 1.00 4.79
C ALA B 177 39.53 -0.41 4.31
N TYR B 178 39.85 -0.52 3.02
CA TYR B 178 40.30 -1.76 2.42
C TYR B 178 41.82 -1.66 2.10
N GLY B 179 42.62 -2.54 2.69
CA GLY B 179 44.03 -2.63 2.37
C GLY B 179 44.30 -3.52 1.14
N PHE B 180 45.20 -3.04 0.32
CA PHE B 180 45.75 -3.77 -0.84
C PHE B 180 46.78 -4.80 -0.37
N ASN B 181 46.63 -6.04 -0.78
CA ASN B 181 47.49 -7.08 -0.36
C ASN B 181 48.10 -7.54 -1.68
N PRO B 182 49.36 -7.14 -1.96
CA PRO B 182 50.02 -7.57 -3.20
C PRO B 182 50.47 -9.03 -3.20
N GLU B 183 50.48 -9.73 -2.05
CA GLU B 183 51.03 -11.08 -1.99
C GLU B 183 50.18 -12.09 -1.25
N PRO B 184 49.32 -12.79 -1.99
CA PRO B 184 48.36 -13.66 -1.31
C PRO B 184 48.93 -15.04 -0.97
N GLU B 185 48.22 -15.77 -0.13
CA GLU B 185 48.46 -17.17 0.16
C GLU B 185 47.77 -18.04 -0.90
N PRO B 186 48.24 -19.30 -1.13
CA PRO B 186 47.70 -20.19 -2.15
C PRO B 186 46.36 -20.75 -1.70
N VAL B 187 45.36 -19.86 -1.74
CA VAL B 187 44.03 -20.18 -1.27
C VAL B 187 43.04 -19.29 -2.09
N LEU B 188 41.82 -19.78 -2.20
CA LEU B 188 40.70 -19.01 -2.82
C LEU B 188 39.69 -18.61 -1.78
N GLY B 189 38.97 -17.54 -2.06
CA GLY B 189 37.96 -17.02 -1.22
C GLY B 189 36.57 -17.14 -1.79
N TRP B 190 35.58 -17.13 -0.91
CA TRP B 190 34.14 -17.11 -1.30
C TRP B 190 33.38 -16.36 -0.21
N VAL B 191 32.45 -15.48 -0.60
CA VAL B 191 31.74 -14.59 0.34
C VAL B 191 30.23 -14.77 0.10
N GLY B 192 29.47 -15.13 1.14
CA GLY B 192 28.04 -15.40 0.96
C GLY B 192 27.35 -15.95 2.19
N ARG B 193 26.03 -16.09 2.15
CA ARG B 193 25.37 -16.92 3.15
C ARG B 193 25.85 -18.35 3.00
N ILE B 194 26.24 -18.96 4.11
CA ILE B 194 26.74 -20.29 4.12
C ILE B 194 25.53 -21.21 4.35
N ALA B 195 24.79 -21.42 3.27
CA ALA B 195 23.52 -22.07 3.29
C ALA B 195 23.35 -22.83 1.98
N PRO B 196 22.47 -23.83 1.96
CA PRO B 196 22.12 -24.52 0.71
C PRO B 196 21.66 -23.57 -0.37
N GLU B 197 21.87 -23.96 -1.63
CA GLU B 197 21.32 -23.22 -2.77
C GLU B 197 21.94 -21.86 -2.97
N LYS B 198 23.19 -21.71 -2.52
CA LYS B 198 23.88 -20.45 -2.70
C LYS B 198 25.10 -20.56 -3.55
N GLY B 199 25.36 -21.75 -4.06
CA GLY B 199 26.46 -21.97 -4.96
C GLY B 199 27.78 -22.33 -4.27
N LEU B 200 27.73 -22.58 -2.97
CA LEU B 200 28.98 -22.90 -2.24
C LEU B 200 29.62 -24.22 -2.63
N GLU B 201 28.80 -25.24 -2.89
CA GLU B 201 29.34 -26.54 -3.32
C GLU B 201 30.13 -26.44 -4.64
N ASP B 202 29.59 -25.64 -5.57
CA ASP B 202 30.22 -25.41 -6.87
C ASP B 202 31.67 -24.84 -6.64
N ALA B 203 31.76 -23.88 -5.72
CA ALA B 203 33.04 -23.24 -5.45
C ALA B 203 34.01 -24.23 -4.75
N ILE B 204 33.52 -24.99 -3.80
CA ILE B 204 34.39 -25.95 -3.09
C ILE B 204 34.91 -26.98 -4.07
N GLN B 205 34.02 -27.49 -4.91
CA GLN B 205 34.37 -28.53 -5.83
C GLN B 205 35.43 -28.09 -6.84
N ALA B 206 35.29 -26.84 -7.30
CA ALA B 206 36.25 -26.26 -8.22
C ALA B 206 37.57 -25.99 -7.54
N ALA B 207 37.56 -25.40 -6.34
CA ALA B 207 38.83 -25.12 -5.66
C ALA B 207 39.58 -26.47 -5.42
N GLN B 208 38.84 -27.48 -5.06
CA GLN B 208 39.38 -28.78 -4.75
C GLN B 208 39.98 -29.46 -5.98
N GLN B 209 39.33 -29.36 -7.11
CA GLN B 209 39.84 -29.92 -8.34
C GLN B 209 41.07 -29.15 -8.76
N ALA B 210 41.13 -27.84 -8.45
CA ALA B 210 42.22 -27.00 -8.86
C ALA B 210 43.37 -27.14 -7.89
N GLY B 211 43.14 -27.83 -6.78
CA GLY B 211 44.16 -28.09 -5.77
C GLY B 211 44.35 -26.96 -4.79
N LEU B 212 43.33 -26.12 -4.56
CA LEU B 212 43.42 -25.04 -3.56
C LEU B 212 42.34 -25.08 -2.47
N PRO B 213 42.70 -24.75 -1.22
CA PRO B 213 41.65 -24.69 -0.18
C PRO B 213 40.77 -23.49 -0.42
N LEU B 214 39.56 -23.52 0.09
CA LEU B 214 38.63 -22.40 -0.03
C LEU B 214 38.40 -21.81 1.36
N ARG B 215 38.50 -20.50 1.47
CA ARG B 215 38.17 -19.77 2.72
C ARG B 215 36.89 -19.04 2.53
N VAL B 216 35.96 -19.10 3.51
CA VAL B 216 34.62 -18.52 3.36
C VAL B 216 34.36 -17.50 4.44
N TRP B 217 33.64 -16.45 4.06
CA TRP B 217 33.13 -15.44 4.95
C TRP B 217 31.65 -15.37 4.72
N GLY B 218 30.91 -15.30 5.81
CA GLY B 218 29.47 -15.15 5.74
C GLY B 218 28.74 -15.66 6.97
N ALA B 219 27.42 -15.64 6.84
CA ALA B 219 26.48 -16.02 7.87
C ALA B 219 26.20 -17.49 7.84
N LEU B 220 26.45 -18.17 8.95
CA LEU B 220 26.00 -19.52 9.15
C LEU B 220 24.75 -19.57 10.07
N THR B 221 23.66 -20.15 9.56
CA THR B 221 22.40 -20.40 10.28
C THR B 221 22.15 -21.87 10.54
N GLU B 222 22.78 -22.75 9.77
CA GLU B 222 22.49 -24.16 9.89
C GLU B 222 23.78 -24.92 9.99
N PRO B 223 24.27 -25.14 11.21
CA PRO B 223 25.50 -25.91 11.40
C PRO B 223 25.48 -27.32 10.81
N ASP B 224 24.30 -27.96 10.77
CA ASP B 224 24.15 -29.23 10.07
C ASP B 224 24.62 -29.15 8.61
N TYR B 225 24.40 -28.02 7.98
CA TYR B 225 24.85 -27.77 6.58
C TYR B 225 26.39 -27.74 6.51
N TRP B 226 26.99 -27.03 7.49
CA TRP B 226 28.43 -27.03 7.61
C TRP B 226 28.97 -28.40 7.78
N GLN B 227 28.39 -29.22 8.68
CA GLN B 227 28.88 -30.61 8.77
C GLN B 227 28.77 -31.42 7.49
N ARG B 228 27.64 -31.24 6.81
CA ARG B 228 27.39 -31.87 5.51
C ARG B 228 28.52 -31.54 4.56
N LEU B 229 28.91 -30.29 4.51
CA LEU B 229 29.99 -29.91 3.60
C LEU B 229 31.28 -30.60 3.96
N GLN B 230 31.61 -30.55 5.26
CA GLN B 230 32.88 -31.20 5.75
C GLN B 230 32.92 -32.70 5.44
N GLN B 231 31.77 -33.35 5.56
CA GLN B 231 31.68 -34.78 5.26
C GLN B 231 31.80 -35.08 3.80
N GLN B 232 31.26 -34.23 2.94
CA GLN B 232 31.37 -34.46 1.52
C GLN B 232 32.74 -34.16 0.93
N PHE B 233 33.32 -33.04 1.35
CA PHE B 233 34.54 -32.52 0.70
C PHE B 233 35.81 -32.76 1.49
N GLY B 234 35.66 -33.20 2.73
CA GLY B 234 36.80 -33.34 3.65
C GLY B 234 37.07 -32.04 4.42
N ASP B 235 37.46 -32.16 5.68
CA ASP B 235 37.66 -30.96 6.50
C ASP B 235 38.79 -30.01 6.10
N ARG B 236 39.69 -30.40 5.22
CA ARG B 236 40.70 -29.43 4.73
C ARG B 236 40.24 -28.64 3.49
N ALA B 237 39.10 -28.99 2.92
CA ALA B 237 38.72 -28.36 1.63
C ALA B 237 38.20 -26.96 1.81
N VAL B 238 37.50 -26.76 2.91
CA VAL B 238 36.86 -25.49 3.12
C VAL B 238 37.01 -25.09 4.56
N SER B 239 37.30 -23.81 4.82
CA SER B 239 37.29 -23.28 6.19
C SER B 239 36.62 -21.95 6.39
N TYR B 240 36.10 -21.75 7.60
CA TYR B 240 35.33 -20.61 7.96
C TYR B 240 36.27 -19.57 8.50
N GLN B 241 36.27 -18.39 7.92
CA GLN B 241 37.18 -17.38 8.32
C GLN B 241 36.52 -16.21 9.01
N GLY B 242 35.23 -16.11 8.95
CA GLY B 242 34.56 -15.03 9.60
C GLY B 242 33.24 -14.66 9.01
N PHE B 243 32.74 -13.54 9.52
CA PHE B 243 31.53 -12.91 9.06
C PHE B 243 32.01 -11.82 8.11
N VAL B 244 31.11 -10.93 7.71
CA VAL B 244 31.36 -10.01 6.62
C VAL B 244 31.52 -8.58 7.02
N SER B 245 31.84 -8.28 8.28
CA SER B 245 32.10 -6.89 8.66
C SER B 245 33.32 -6.42 7.89
N THR B 246 33.28 -5.15 7.48
CA THR B 246 34.28 -4.58 6.60
C THR B 246 35.70 -4.88 7.07
N ASP B 247 36.05 -4.57 8.32
CA ASP B 247 37.45 -4.78 8.74
C ASP B 247 37.83 -6.25 8.69
N GLU B 248 36.94 -7.16 9.09
CA GLU B 248 37.37 -8.58 9.12
C GLU B 248 37.48 -9.06 7.66
N LEU B 249 36.54 -8.59 6.85
CA LEU B 249 36.46 -9.03 5.48
C LEU B 249 37.69 -8.59 4.69
N GLN B 250 38.02 -7.31 4.74
CA GLN B 250 39.21 -6.79 4.06
C GLN B 250 40.53 -7.44 4.50
N ARG B 251 40.68 -7.66 5.81
CA ARG B 251 41.86 -8.37 6.29
C ARG B 251 41.97 -9.80 5.73
N GLY B 252 40.88 -10.54 5.74
CA GLY B 252 40.91 -11.95 5.36
C GLY B 252 40.95 -12.14 3.83
N LEU B 253 40.08 -11.39 3.13
CA LEU B 253 39.89 -11.61 1.73
C LEU B 253 41.12 -11.23 0.94
N GLY B 254 41.79 -10.13 1.29
CA GLY B 254 43.04 -9.81 0.63
C GLY B 254 44.13 -10.87 0.61
N ARG B 255 44.06 -11.88 1.47
CA ARG B 255 45.04 -12.97 1.50
C ARG B 255 44.80 -14.02 0.39
N CYS B 256 43.65 -13.91 -0.27
CA CYS B 256 43.24 -14.91 -1.28
C CYS B 256 43.86 -14.57 -2.63
N GLN B 257 44.19 -15.63 -3.40
CA GLN B 257 44.65 -15.45 -4.79
C GLN B 257 43.52 -15.04 -5.75
N GLY B 258 42.29 -15.38 -5.37
CA GLY B 258 41.11 -15.06 -6.16
C GLY B 258 39.85 -15.22 -5.36
N LEU B 259 38.78 -14.51 -5.74
CA LEU B 259 37.43 -14.71 -5.17
C LEU B 259 36.62 -15.51 -6.19
N LEU B 260 35.99 -16.58 -5.74
CA LEU B 260 35.05 -17.34 -6.58
C LEU B 260 33.65 -16.82 -6.30
N THR B 262 29.90 -17.71 -7.34
CA THR B 262 29.08 -18.76 -7.95
C THR B 262 27.59 -18.68 -7.56
N PRO B 263 27.03 -17.46 -7.47
CA PRO B 263 25.66 -17.36 -7.00
C PRO B 263 24.60 -17.81 -8.02
N LYS B 264 23.44 -18.18 -7.51
CA LYS B 264 22.20 -18.35 -8.36
C LYS B 264 21.80 -17.01 -8.92
N TRP B 265 21.11 -16.99 -10.04
CA TRP B 265 20.86 -15.73 -10.75
C TRP B 265 20.22 -14.60 -9.88
N VAL B 266 19.26 -15.01 -9.04
CA VAL B 266 18.56 -14.11 -8.06
C VAL B 266 19.51 -13.22 -7.25
N GLU B 267 20.64 -13.79 -6.85
CA GLU B 267 21.57 -13.10 -5.97
C GLU B 267 22.84 -12.69 -6.73
N ALA B 268 22.69 -12.48 -8.05
CA ALA B 268 23.83 -12.25 -8.91
C ALA B 268 24.10 -10.78 -9.07
N PHE B 269 23.70 -9.94 -8.10
CA PHE B 269 23.98 -8.52 -8.24
C PHE B 269 25.03 -7.97 -7.25
N GLY B 270 26.31 -8.15 -7.64
CA GLY B 270 27.35 -7.11 -7.58
C GLY B 270 28.38 -7.03 -6.46
N ASN B 271 27.96 -6.39 -5.37
CA ASN B 271 28.82 -5.85 -4.26
C ASN B 271 30.15 -6.56 -3.84
N VAL B 272 30.15 -7.86 -3.64
CA VAL B 272 31.33 -8.53 -3.07
C VAL B 272 32.50 -8.49 -4.09
N ALA B 273 32.19 -8.51 -5.38
CA ALA B 273 33.25 -8.41 -6.39
C ALA B 273 34.03 -7.10 -6.19
N ILE B 274 33.34 -5.99 -5.89
CA ILE B 274 34.13 -4.75 -5.72
C ILE B 274 34.95 -4.71 -4.45
N GLU B 275 34.48 -5.36 -3.42
CA GLU B 275 35.28 -5.60 -2.19
C GLU B 275 36.54 -6.40 -2.47
N ALA B 276 36.41 -7.41 -3.29
CA ALA B 276 37.58 -8.15 -3.71
C ALA B 276 38.56 -7.27 -4.46
N LEU B 277 38.09 -6.59 -5.48
CA LEU B 277 38.99 -5.78 -6.29
C LEU B 277 39.68 -4.72 -5.42
N ALA B 278 38.97 -4.19 -4.43
CA ALA B 278 39.55 -3.17 -3.57
C ALA B 278 40.71 -3.72 -2.74
N CYS B 279 40.74 -5.03 -2.50
CA CYS B 279 41.87 -5.65 -1.80
C CYS B 279 43.02 -6.12 -2.72
N GLY B 280 42.85 -5.90 -4.02
CA GLY B 280 43.69 -6.49 -5.06
C GLY B 280 43.41 -7.94 -5.43
N LEU B 281 42.19 -8.44 -5.17
CA LEU B 281 41.90 -9.82 -5.47
CA LEU B 281 41.85 -9.81 -5.41
C LEU B 281 41.08 -9.89 -6.74
N PRO B 282 41.66 -10.55 -7.78
CA PRO B 282 40.89 -10.84 -8.99
C PRO B 282 39.68 -11.74 -8.74
N VAL B 283 38.64 -11.57 -9.57
CA VAL B 283 37.38 -12.26 -9.34
C VAL B 283 37.06 -13.19 -10.48
N ILE B 284 36.69 -14.42 -10.12
CA ILE B 284 36.26 -15.40 -11.06
C ILE B 284 34.77 -15.55 -10.79
N ALA B 285 33.93 -15.15 -11.78
CA ALA B 285 32.49 -15.12 -11.54
C ALA B 285 31.75 -15.73 -12.72
N TYR B 286 30.63 -16.28 -12.41
CA TYR B 286 29.68 -16.68 -13.46
C TYR B 286 29.31 -15.47 -14.29
N ALA B 287 29.28 -15.65 -15.62
CA ALA B 287 29.17 -14.56 -16.57
C ALA B 287 27.72 -14.21 -16.76
N ARG B 288 27.11 -13.67 -15.71
CA ARG B 288 25.74 -13.24 -15.74
C ARG B 288 25.52 -12.25 -14.63
N GLY B 289 24.57 -11.36 -14.84
CA GLY B 289 24.22 -10.38 -13.83
C GLY B 289 25.33 -9.36 -13.59
N GLY B 290 25.40 -8.90 -12.35
CA GLY B 290 26.22 -7.75 -11.95
C GLY B 290 27.69 -7.83 -12.33
N PRO B 291 28.31 -9.04 -12.16
CA PRO B 291 29.71 -9.17 -12.52
C PRO B 291 30.06 -8.84 -13.95
N LEU B 292 29.11 -8.95 -14.91
CA LEU B 292 29.39 -8.57 -16.32
C LEU B 292 29.83 -7.13 -16.52
N GLU B 293 29.31 -6.29 -15.63
CA GLU B 293 29.64 -4.91 -15.66
C GLU B 293 30.85 -4.51 -14.85
N ILE B 294 31.25 -5.33 -13.90
CA ILE B 294 32.26 -4.99 -12.91
C ILE B 294 33.63 -5.51 -13.34
N ILE B 295 33.67 -6.75 -13.79
CA ILE B 295 34.94 -7.39 -14.13
C ILE B 295 35.31 -7.13 -15.59
N GLU B 296 36.58 -6.82 -15.85
CA GLU B 296 37.16 -6.72 -17.15
C GLU B 296 37.85 -8.04 -17.51
N GLN B 297 37.24 -8.75 -18.44
CA GLN B 297 37.65 -10.11 -18.80
C GLN B 297 39.10 -10.24 -19.10
N GLY B 298 39.75 -11.18 -18.40
CA GLY B 298 41.16 -11.40 -18.53
C GLY B 298 42.09 -10.31 -18.01
N LYS B 299 41.58 -9.35 -17.25
CA LYS B 299 42.35 -8.26 -16.73
C LYS B 299 42.13 -8.11 -15.22
N SER B 300 40.88 -7.94 -14.78
CA SER B 300 40.58 -7.95 -13.34
C SER B 300 39.88 -9.20 -12.90
N GLY B 301 39.71 -10.16 -13.80
CA GLY B 301 39.14 -11.40 -13.42
C GLY B 301 38.74 -12.20 -14.61
N TRP B 302 37.97 -13.26 -14.36
CA TRP B 302 37.46 -14.12 -15.40
C TRP B 302 35.99 -14.32 -15.23
N LEU B 303 35.27 -14.09 -16.35
CA LEU B 303 33.84 -14.37 -16.46
C LEU B 303 33.61 -15.70 -17.15
N VAL B 304 33.00 -16.62 -16.45
CA VAL B 304 32.92 -17.97 -16.89
C VAL B 304 31.52 -18.47 -17.07
N GLU B 305 31.43 -19.52 -17.86
CA GLU B 305 30.18 -20.18 -18.12
C GLU B 305 29.58 -20.67 -16.81
N PRO B 306 28.30 -20.33 -16.52
CA PRO B 306 27.67 -20.74 -15.28
C PRO B 306 27.48 -22.23 -15.14
N ASP B 307 27.61 -22.73 -13.93
CA ASP B 307 27.33 -24.12 -13.57
C ASP B 307 28.22 -25.12 -14.30
N GLN B 308 29.45 -24.75 -14.60
CA GLN B 308 30.36 -25.66 -15.26
C GLN B 308 31.71 -25.72 -14.57
N GLN B 309 31.96 -26.85 -13.94
CA GLN B 309 33.15 -26.97 -13.09
CA GLN B 309 33.15 -27.00 -13.08
C GLN B 309 34.43 -26.77 -13.89
N ALA B 310 34.47 -27.28 -15.12
CA ALA B 310 35.70 -27.15 -15.90
C ALA B 310 36.07 -25.70 -16.18
N ALA B 311 35.07 -24.85 -16.32
CA ALA B 311 35.29 -23.44 -16.64
C ALA B 311 35.81 -22.70 -15.38
N LEU B 312 35.32 -23.06 -14.23
CA LEU B 312 35.93 -22.49 -12.99
C LEU B 312 37.39 -22.93 -12.84
N VAL B 313 37.64 -24.22 -12.99
CA VAL B 313 38.98 -24.76 -12.81
C VAL B 313 39.95 -24.13 -13.79
N ASN B 314 39.56 -24.03 -15.05
CA ASN B 314 40.40 -23.34 -16.08
C ASN B 314 40.76 -21.92 -15.72
N ALA B 315 39.75 -21.20 -15.19
CA ALA B 315 39.98 -19.84 -14.74
C ALA B 315 40.93 -19.77 -13.53
N ILE B 316 40.72 -20.64 -12.61
CA ILE B 316 41.58 -20.67 -11.40
C ILE B 316 43.05 -20.84 -11.83
N GLY B 317 43.27 -21.70 -12.81
CA GLY B 317 44.59 -21.94 -13.33
C GLY B 317 45.21 -20.78 -14.05
N GLN B 318 44.43 -19.73 -14.39
CA GLN B 318 44.91 -18.55 -14.97
C GLN B 318 44.82 -17.31 -14.12
N LEU B 319 44.73 -17.46 -12.79
CA LEU B 319 44.81 -16.34 -11.88
C LEU B 319 46.15 -15.63 -11.90
N SER B 320 47.25 -16.36 -12.15
CA SER B 320 48.54 -15.65 -12.37
C SER B 320 48.61 -14.77 -13.60
N SER B 321 47.72 -14.90 -14.61
CA SER B 321 47.68 -13.96 -15.72
C SER B 321 47.28 -12.50 -15.33
N LEU B 322 46.77 -12.33 -14.12
CA LEU B 322 46.13 -11.10 -13.70
C LEU B 322 46.96 -10.27 -12.69
N ASP B 323 47.04 -8.99 -12.95
CA ASP B 323 47.77 -8.06 -12.10
C ASP B 323 46.89 -7.56 -10.93
N ARG B 324 47.23 -7.97 -9.72
CA ARG B 324 46.55 -7.54 -8.49
C ARG B 324 46.48 -6.01 -8.36
N ALA B 325 47.53 -5.32 -8.84
CA ALA B 325 47.59 -3.87 -8.70
C ALA B 325 46.62 -3.25 -9.64
N TYR B 326 46.40 -3.88 -10.78
CA TYR B 326 45.43 -3.40 -11.70
C TYR B 326 43.98 -3.55 -11.15
N CYS B 327 43.70 -4.65 -10.46
CA CYS B 327 42.40 -4.83 -9.80
C CYS B 327 42.14 -3.66 -8.82
N ARG B 328 43.17 -3.33 -8.03
CA ARG B 328 43.05 -2.22 -7.09
C ARG B 328 42.85 -0.91 -7.79
N ALA B 329 43.57 -0.69 -8.88
CA ALA B 329 43.44 0.51 -9.71
C ALA B 329 42.04 0.75 -10.27
N GLN B 330 41.47 -0.35 -10.79
CA GLN B 330 40.09 -0.30 -11.27
C GLN B 330 39.14 0.03 -10.13
N ALA B 331 39.34 -0.53 -8.97
CA ALA B 331 38.50 -0.14 -7.84
C ALA B 331 38.58 1.38 -7.52
N GLU B 332 39.79 1.89 -7.39
CA GLU B 332 39.99 3.33 -7.14
C GLU B 332 39.39 4.19 -8.25
N ALA B 333 39.50 3.80 -9.51
CA ALA B 333 38.89 4.63 -10.58
C ALA B 333 37.36 4.57 -10.71
N ARG B 334 36.79 3.41 -10.45
CA ARG B 334 35.34 3.25 -10.64
C ARG B 334 34.47 3.26 -9.42
N PHE B 335 35.02 2.83 -8.31
CA PHE B 335 34.23 2.49 -7.11
C PHE B 335 34.57 3.33 -5.87
N SER B 336 35.34 4.40 -6.04
CA SER B 336 35.74 5.20 -4.88
C SER B 336 34.57 6.12 -4.43
N LEU B 337 34.65 6.62 -3.21
CA LEU B 337 33.73 7.65 -2.74
C LEU B 337 33.87 8.91 -3.53
N ALA B 338 35.09 9.22 -3.95
CA ALA B 338 35.25 10.38 -4.81
C ALA B 338 34.49 10.30 -6.12
N ALA B 339 34.62 9.20 -6.82
CA ALA B 339 33.95 9.02 -8.07
C ALA B 339 32.40 9.01 -7.88
N GLY B 341 30.73 10.49 -5.47
CA GLY B 341 30.33 11.84 -5.19
C GLY B 341 30.13 12.64 -6.42
N GLN B 342 31.02 12.46 -7.39
CA GLN B 342 30.89 13.16 -8.63
C GLN B 342 29.58 12.77 -9.38
N ARG B 343 29.30 11.48 -9.42
CA ARG B 343 28.10 11.00 -10.10
C ARG B 343 26.80 11.53 -9.39
N LEU B 344 26.81 11.50 -8.05
CA LEU B 344 25.67 11.99 -7.25
C LEU B 344 25.43 13.43 -7.47
N GLU B 345 26.49 14.24 -7.61
CA GLU B 345 26.30 15.67 -7.80
C GLU B 345 25.76 15.95 -9.19
N ALA B 346 26.25 15.20 -10.17
CA ALA B 346 25.73 15.28 -11.53
C ALA B 346 24.22 14.90 -11.63
N TRP B 347 23.84 13.89 -10.86
CA TRP B 347 22.44 13.45 -10.77
C TRP B 347 21.57 14.47 -10.03
N LEU B 348 21.97 14.80 -8.80
CA LEU B 348 21.08 15.49 -7.88
C LEU B 348 21.06 16.97 -8.01
N LEU B 349 22.20 17.62 -8.28
CA LEU B 349 22.22 19.08 -8.40
C LEU B 349 21.24 19.73 -9.42
N PRO B 350 21.11 19.19 -10.63
CA PRO B 350 20.09 19.73 -11.55
C PRO B 350 18.63 19.66 -10.97
N LEU B 351 18.38 18.73 -10.03
CA LEU B 351 17.02 18.59 -9.43
C LEU B 351 16.73 19.62 -8.35
N LEU B 352 17.73 20.32 -7.88
CA LEU B 352 17.51 21.45 -6.95
C LEU B 352 16.93 22.69 -7.67
N SER B 353 16.05 23.41 -6.98
CA SER B 353 15.36 24.62 -7.54
C SER B 353 15.67 25.84 -6.70
#